data_2N9Z
#
_entry.id   2N9Z
#
_entity_poly.entity_id   1
_entity_poly.type   'polypeptide(L)'
_entity_poly.pdbx_seq_one_letter_code
;DCAKEGEVCSWGKKCCDLDNFYCPMEFIPHCKKYKPYVPVTT
;
_entity_poly.pdbx_strand_id   A
#
# COMPACT_ATOMS: atom_id res chain seq x y z
N ASP A 1 11.93 -8.67 -3.20
CA ASP A 1 10.68 -9.13 -2.53
C ASP A 1 9.90 -7.91 -2.05
N CYS A 2 8.57 -7.98 -2.18
CA CYS A 2 7.72 -6.88 -1.75
C CYS A 2 6.32 -7.38 -1.42
N ALA A 3 5.52 -6.53 -0.78
CA ALA A 3 4.17 -6.90 -0.42
C ALA A 3 3.18 -6.44 -1.50
N LYS A 4 2.58 -7.40 -2.19
CA LYS A 4 1.61 -7.11 -3.24
C LYS A 4 0.28 -6.65 -2.64
N GLU A 5 -0.69 -6.39 -3.49
CA GLU A 5 -2.00 -5.95 -3.01
C GLU A 5 -2.61 -6.96 -2.05
N GLY A 6 -3.02 -6.48 -0.88
CA GLY A 6 -3.62 -7.33 0.14
C GLY A 6 -2.56 -7.94 1.05
N GLU A 7 -1.29 -7.68 0.75
CA GLU A 7 -0.20 -8.22 1.57
C GLU A 7 0.07 -7.33 2.76
N VAL A 8 0.59 -7.91 3.83
CA VAL A 8 0.87 -7.14 5.04
C VAL A 8 2.05 -6.19 4.82
N CYS A 9 1.84 -4.92 5.12
CA CYS A 9 2.90 -3.92 4.95
C CYS A 9 3.34 -3.39 6.31
N SER A 10 4.17 -2.35 6.28
CA SER A 10 4.68 -1.74 7.50
C SER A 10 5.60 -2.71 8.26
N TRP A 11 5.17 -3.12 9.45
CA TRP A 11 5.97 -4.03 10.26
C TRP A 11 6.31 -5.28 9.45
N GLY A 12 5.44 -5.63 8.52
CA GLY A 12 5.67 -6.79 7.68
C GLY A 12 6.69 -6.47 6.59
N LYS A 13 6.22 -5.92 5.47
CA LYS A 13 7.10 -5.56 4.37
C LYS A 13 6.71 -4.20 3.78
N LYS A 14 7.34 -3.85 2.65
CA LYS A 14 7.06 -2.59 1.98
C LYS A 14 6.27 -2.86 0.71
N CYS A 15 5.13 -2.22 0.60
CA CYS A 15 4.28 -2.40 -0.56
C CYS A 15 5.09 -2.16 -1.83
N CYS A 16 5.00 -3.09 -2.77
CA CYS A 16 5.74 -2.97 -4.02
C CYS A 16 5.58 -1.58 -4.61
N ASP A 17 4.34 -1.16 -4.79
CA ASP A 17 4.05 0.16 -5.34
C ASP A 17 3.34 1.04 -4.31
N LEU A 18 4.13 1.73 -3.50
CA LEU A 18 3.58 2.60 -2.47
C LEU A 18 2.89 3.81 -3.10
N ASP A 19 3.19 4.06 -4.36
CA ASP A 19 2.60 5.18 -5.07
C ASP A 19 1.14 4.89 -5.42
N ASN A 20 0.88 3.68 -5.89
CA ASN A 20 -0.48 3.29 -6.26
C ASN A 20 -1.17 2.58 -5.09
N PHE A 21 -0.39 2.19 -4.09
CA PHE A 21 -0.93 1.50 -2.93
C PHE A 21 -0.45 2.17 -1.65
N TYR A 22 -1.23 2.03 -0.58
CA TYR A 22 -0.87 2.62 0.69
C TYR A 22 -0.95 1.58 1.80
N CYS A 23 -0.26 1.85 2.91
CA CYS A 23 -0.25 0.92 4.03
C CYS A 23 -1.20 1.43 5.14
N PRO A 24 -2.32 0.79 5.36
CA PRO A 24 -3.29 1.21 6.43
C PRO A 24 -2.64 1.31 7.81
N MET A 25 -3.36 1.92 8.73
CA MET A 25 -2.85 2.08 10.10
C MET A 25 -3.68 1.23 11.06
N GLU A 26 -3.28 -0.02 11.23
CA GLU A 26 -3.99 -0.93 12.12
C GLU A 26 -3.06 -2.04 12.60
N PHE A 27 -3.63 -3.05 13.22
CA PHE A 27 -2.85 -4.17 13.73
C PHE A 27 -2.12 -4.90 12.59
N ILE A 28 -2.86 -5.18 11.52
CA ILE A 28 -2.28 -5.86 10.37
C ILE A 28 -2.70 -5.19 9.06
N PRO A 29 -2.09 -4.08 8.76
CA PRO A 29 -2.39 -3.31 7.50
C PRO A 29 -2.16 -4.13 6.26
N HIS A 30 -2.97 -3.90 5.24
CA HIS A 30 -2.81 -4.63 3.98
C HIS A 30 -2.75 -3.66 2.80
N CYS A 31 -1.83 -3.92 1.88
CA CYS A 31 -1.67 -3.05 0.71
C CYS A 31 -3.03 -2.80 0.06
N LYS A 32 -3.36 -1.52 -0.12
CA LYS A 32 -4.63 -1.16 -0.73
C LYS A 32 -4.43 -0.09 -1.81
N LYS A 33 -5.06 -0.30 -2.96
CA LYS A 33 -4.96 0.64 -4.06
C LYS A 33 -5.78 1.90 -3.79
N TYR A 34 -5.19 3.05 -4.09
CA TYR A 34 -5.83 4.33 -3.90
C TYR A 34 -5.23 5.37 -4.83
N LYS A 35 -6.00 6.42 -5.07
CA LYS A 35 -5.55 7.49 -5.96
C LYS A 35 -6.19 8.82 -5.57
N PRO A 36 -5.97 9.26 -4.36
CA PRO A 36 -6.53 10.55 -3.86
C PRO A 36 -5.92 11.76 -4.55
N TYR A 37 -6.70 12.82 -4.70
CA TYR A 37 -6.23 14.03 -5.36
C TYR A 37 -6.71 15.28 -4.62
N VAL A 38 -7.62 15.07 -3.67
CA VAL A 38 -8.16 16.18 -2.89
C VAL A 38 -8.29 15.79 -1.42
N PRO A 39 -7.19 15.67 -0.73
CA PRO A 39 -7.17 15.29 0.72
C PRO A 39 -7.97 16.26 1.57
N VAL A 40 -8.63 15.73 2.60
CA VAL A 40 -9.42 16.55 3.50
C VAL A 40 -9.08 16.26 4.96
N THR A 41 -9.36 17.21 5.83
CA THR A 41 -9.08 17.04 7.26
C THR A 41 -9.85 15.86 7.82
N THR A 42 -9.24 15.15 8.76
CA THR A 42 -9.88 14.00 9.37
C THR A 42 -9.05 13.49 10.56
N ASP A 1 12.30 -8.84 -3.26
CA ASP A 1 10.85 -8.99 -3.56
C ASP A 1 10.06 -7.95 -2.77
N CYS A 2 8.73 -8.01 -2.89
CA CYS A 2 7.86 -7.08 -2.18
C CYS A 2 6.46 -7.66 -2.03
N ALA A 3 5.66 -7.00 -1.20
CA ALA A 3 4.30 -7.45 -0.95
C ALA A 3 3.32 -6.74 -1.91
N LYS A 4 2.50 -7.54 -2.60
CA LYS A 4 1.54 -6.98 -3.55
C LYS A 4 0.25 -6.59 -2.83
N GLU A 5 -0.82 -6.42 -3.59
CA GLU A 5 -2.11 -6.03 -3.00
C GLU A 5 -2.55 -7.04 -1.95
N GLY A 6 -2.90 -6.53 -0.78
CA GLY A 6 -3.36 -7.38 0.31
C GLY A 6 -2.29 -8.36 0.78
N GLU A 7 -1.02 -7.94 0.68
CA GLU A 7 0.09 -8.79 1.10
C GLU A 7 0.79 -8.23 2.34
N VAL A 8 0.04 -7.50 3.16
CA VAL A 8 0.59 -6.91 4.37
C VAL A 8 1.75 -5.97 4.05
N CYS A 9 1.80 -4.82 4.72
CA CYS A 9 2.87 -3.87 4.47
C CYS A 9 3.30 -3.18 5.76
N SER A 10 3.89 -2.01 5.62
CA SER A 10 4.35 -1.26 6.79
C SER A 10 5.40 -2.05 7.56
N TRP A 11 5.21 -2.16 8.87
CA TRP A 11 6.16 -2.88 9.70
C TRP A 11 6.33 -4.31 9.20
N GLY A 12 5.25 -4.87 8.67
CA GLY A 12 5.28 -6.24 8.15
C GLY A 12 6.26 -6.35 6.98
N LYS A 13 6.23 -5.34 6.11
CA LYS A 13 7.10 -5.33 4.93
C LYS A 13 6.82 -4.09 4.07
N LYS A 14 7.53 -3.99 2.95
CA LYS A 14 7.35 -2.86 2.03
C LYS A 14 6.51 -3.29 0.83
N CYS A 15 5.46 -2.54 0.58
CA CYS A 15 4.57 -2.84 -0.54
C CYS A 15 5.32 -2.64 -1.86
N CYS A 16 4.92 -3.39 -2.88
CA CYS A 16 5.56 -3.31 -4.18
C CYS A 16 5.44 -1.90 -4.74
N ASP A 17 4.28 -1.29 -4.56
CA ASP A 17 4.07 0.08 -5.04
C ASP A 17 3.44 0.94 -3.95
N LEU A 18 4.29 1.55 -3.13
CA LEU A 18 3.79 2.40 -2.05
C LEU A 18 3.07 3.62 -2.62
N ASP A 19 3.35 3.94 -3.88
CA ASP A 19 2.72 5.08 -4.53
C ASP A 19 1.28 4.77 -4.94
N ASN A 20 1.07 3.63 -5.58
CA ASN A 20 -0.26 3.25 -6.02
C ASN A 20 -1.02 2.52 -4.91
N PHE A 21 -0.31 2.24 -3.83
CA PHE A 21 -0.93 1.56 -2.69
C PHE A 21 -0.57 2.26 -1.39
N TYR A 22 -1.39 2.05 -0.36
CA TYR A 22 -1.13 2.67 0.94
C TYR A 22 -1.26 1.64 2.05
N CYS A 23 -0.69 1.97 3.22
CA CYS A 23 -0.74 1.10 4.37
C CYS A 23 -1.78 1.59 5.39
N PRO A 24 -2.90 0.90 5.54
CA PRO A 24 -3.97 1.28 6.50
C PRO A 24 -3.43 1.45 7.92
N MET A 25 -4.02 2.37 8.66
CA MET A 25 -3.58 2.63 10.03
C MET A 25 -4.18 1.60 10.98
N GLU A 26 -3.60 0.41 10.98
CA GLU A 26 -4.08 -0.67 11.84
C GLU A 26 -2.90 -1.51 12.32
N PHE A 27 -3.19 -2.50 13.15
CA PHE A 27 -2.17 -3.38 13.68
C PHE A 27 -1.43 -4.08 12.53
N ILE A 28 -2.19 -4.61 11.58
CA ILE A 28 -1.61 -5.29 10.43
C ILE A 28 -2.10 -4.66 9.12
N PRO A 29 -1.49 -3.58 8.71
CA PRO A 29 -1.88 -2.86 7.46
C PRO A 29 -1.78 -3.75 6.24
N HIS A 30 -2.64 -3.50 5.25
CA HIS A 30 -2.61 -4.27 4.03
C HIS A 30 -2.50 -3.37 2.82
N CYS A 31 -1.87 -3.86 1.76
CA CYS A 31 -1.70 -3.07 0.54
C CYS A 31 -3.04 -2.86 -0.14
N LYS A 32 -3.51 -1.62 -0.16
CA LYS A 32 -4.79 -1.29 -0.79
C LYS A 32 -4.60 -0.29 -1.90
N LYS A 33 -5.59 -0.20 -2.79
CA LYS A 33 -5.52 0.72 -3.93
C LYS A 33 -6.25 2.02 -3.65
N TYR A 34 -5.76 2.81 -2.67
CA TYR A 34 -6.38 4.10 -2.34
C TYR A 34 -7.90 4.05 -2.57
N LYS A 35 -8.49 5.18 -2.92
CA LYS A 35 -9.92 5.24 -3.16
C LYS A 35 -10.19 5.95 -4.48
N PRO A 36 -9.65 5.46 -5.54
CA PRO A 36 -9.83 6.06 -6.90
C PRO A 36 -11.25 5.87 -7.41
N TYR A 37 -11.73 6.84 -8.18
CA TYR A 37 -13.08 6.78 -8.72
C TYR A 37 -13.05 6.57 -10.23
N VAL A 38 -11.84 6.49 -10.78
CA VAL A 38 -11.70 6.29 -12.22
C VAL A 38 -10.67 5.18 -12.51
N PRO A 39 -10.85 4.45 -13.59
CA PRO A 39 -9.91 3.35 -13.97
C PRO A 39 -8.56 3.89 -14.45
N VAL A 40 -7.50 3.11 -14.21
CA VAL A 40 -6.17 3.52 -14.63
C VAL A 40 -6.09 3.64 -16.14
N THR A 41 -6.65 2.65 -16.85
CA THR A 41 -6.64 2.66 -18.29
C THR A 41 -7.64 3.68 -18.83
N THR A 42 -7.19 4.51 -19.76
CA THR A 42 -8.05 5.54 -20.35
C THR A 42 -7.89 5.57 -21.86
N ASP A 1 10.92 -9.71 -3.97
CA ASP A 1 10.34 -9.90 -2.61
C ASP A 1 9.66 -8.61 -2.16
N CYS A 2 8.33 -8.57 -2.30
CA CYS A 2 7.57 -7.40 -1.90
C CYS A 2 6.13 -7.77 -1.58
N ALA A 3 5.39 -6.83 -1.00
CA ALA A 3 4.00 -7.08 -0.64
C ALA A 3 3.08 -6.61 -1.76
N LYS A 4 2.36 -7.55 -2.36
CA LYS A 4 1.44 -7.23 -3.45
C LYS A 4 0.16 -6.59 -2.89
N GLU A 5 -0.85 -6.46 -3.72
CA GLU A 5 -2.12 -5.88 -3.28
C GLU A 5 -2.79 -6.73 -2.20
N GLY A 6 -3.14 -6.09 -1.10
CA GLY A 6 -3.80 -6.77 0.01
C GLY A 6 -2.78 -7.52 0.86
N GLU A 7 -1.50 -7.37 0.52
CA GLU A 7 -0.45 -8.06 1.27
C GLU A 7 0.01 -7.18 2.44
N VAL A 8 0.49 -7.83 3.49
CA VAL A 8 0.95 -7.10 4.67
C VAL A 8 2.08 -6.14 4.32
N CYS A 9 1.99 -4.90 4.81
CA CYS A 9 3.01 -3.90 4.52
C CYS A 9 3.40 -3.15 5.80
N SER A 10 3.92 -1.94 5.62
CA SER A 10 4.33 -1.13 6.75
C SER A 10 5.46 -1.79 7.51
N TRP A 11 5.30 -1.90 8.83
CA TRP A 11 6.32 -2.50 9.67
C TRP A 11 6.64 -3.91 9.19
N GLY A 12 5.64 -4.58 8.65
CA GLY A 12 5.85 -5.94 8.15
C GLY A 12 6.85 -5.95 7.00
N LYS A 13 6.72 -4.99 6.09
CA LYS A 13 7.61 -4.89 4.94
C LYS A 13 7.27 -3.66 4.10
N LYS A 14 7.63 -3.71 2.82
CA LYS A 14 7.35 -2.61 1.90
C LYS A 14 6.50 -3.10 0.74
N CYS A 15 5.45 -2.35 0.45
CA CYS A 15 4.54 -2.71 -0.63
C CYS A 15 5.24 -2.48 -1.98
N CYS A 16 5.20 -3.48 -2.84
CA CYS A 16 5.85 -3.39 -4.15
C CYS A 16 5.64 -2.00 -4.74
N ASP A 17 4.50 -1.41 -4.46
CA ASP A 17 4.19 -0.07 -4.97
C ASP A 17 3.51 0.76 -3.89
N LEU A 18 4.28 1.64 -3.28
CA LEU A 18 3.75 2.51 -2.23
C LEU A 18 3.07 3.74 -2.83
N ASP A 19 3.29 3.94 -4.13
CA ASP A 19 2.70 5.08 -4.81
C ASP A 19 1.29 4.76 -5.32
N ASN A 20 1.01 3.46 -5.43
CA ASN A 20 -0.31 3.01 -5.91
C ASN A 20 -1.08 2.34 -4.78
N PHE A 21 -0.38 1.97 -3.72
CA PHE A 21 -1.01 1.32 -2.59
C PHE A 21 -0.59 1.98 -1.30
N TYR A 22 -1.47 1.93 -0.29
CA TYR A 22 -1.17 2.54 1.00
C TYR A 22 -1.30 1.51 2.11
N CYS A 23 -0.73 1.83 3.27
CA CYS A 23 -0.79 0.92 4.41
C CYS A 23 -1.83 1.41 5.44
N PRO A 24 -2.95 0.72 5.56
CA PRO A 24 -4.03 1.09 6.53
C PRO A 24 -3.49 1.20 7.96
N MET A 25 -4.15 2.04 8.75
CA MET A 25 -3.73 2.24 10.14
C MET A 25 -4.30 1.13 11.01
N GLU A 26 -3.53 0.06 11.17
CA GLU A 26 -3.96 -1.07 11.98
C GLU A 26 -2.75 -1.92 12.40
N PHE A 27 -3.01 -2.99 13.12
CA PHE A 27 -1.95 -3.87 13.59
C PHE A 27 -1.18 -4.46 12.41
N ILE A 28 -1.92 -4.94 11.41
CA ILE A 28 -1.31 -5.54 10.23
C ILE A 28 -1.85 -4.89 8.95
N PRO A 29 -1.34 -3.74 8.60
CA PRO A 29 -1.77 -3.00 7.38
C PRO A 29 -1.63 -3.84 6.12
N HIS A 30 -2.55 -3.65 5.18
CA HIS A 30 -2.49 -4.39 3.93
C HIS A 30 -2.46 -3.42 2.76
N CYS A 31 -1.80 -3.82 1.68
CA CYS A 31 -1.71 -2.96 0.50
C CYS A 31 -3.08 -2.74 -0.11
N LYS A 32 -3.49 -1.48 -0.19
CA LYS A 32 -4.79 -1.13 -0.77
C LYS A 32 -4.64 -0.08 -1.86
N LYS A 33 -5.23 -0.33 -3.01
CA LYS A 33 -5.16 0.59 -4.14
C LYS A 33 -5.94 1.87 -3.87
N TYR A 34 -5.32 3.00 -4.20
CA TYR A 34 -5.90 4.31 -3.98
C TYR A 34 -5.26 5.34 -4.89
N LYS A 35 -5.90 6.50 -4.97
CA LYS A 35 -5.41 7.58 -5.81
C LYS A 35 -5.30 8.89 -5.04
N PRO A 36 -4.20 9.12 -4.37
CA PRO A 36 -4.00 10.36 -3.57
C PRO A 36 -3.77 11.59 -4.45
N TYR A 37 -4.03 12.76 -3.89
CA TYR A 37 -3.86 14.01 -4.61
C TYR A 37 -3.51 15.14 -3.66
N VAL A 38 -2.93 16.21 -4.21
CA VAL A 38 -2.55 17.35 -3.38
C VAL A 38 -3.41 18.57 -3.73
N PRO A 39 -3.69 19.43 -2.76
CA PRO A 39 -4.50 20.66 -2.98
C PRO A 39 -3.76 21.70 -3.81
N VAL A 40 -4.52 22.61 -4.41
CA VAL A 40 -3.93 23.66 -5.24
C VAL A 40 -4.45 25.02 -4.82
N THR A 41 -3.70 26.07 -5.15
CA THR A 41 -4.10 27.43 -4.79
C THR A 41 -3.62 28.41 -5.86
N THR A 42 -4.36 29.52 -6.01
CA THR A 42 -4.00 30.53 -6.99
C THR A 42 -3.47 31.78 -6.29
N ASP A 1 11.80 -10.23 -1.41
CA ASP A 1 10.34 -10.35 -1.66
C ASP A 1 9.67 -9.01 -1.41
N CYS A 2 8.37 -8.95 -1.68
CA CYS A 2 7.61 -7.71 -1.48
C CYS A 2 6.14 -8.02 -1.25
N ALA A 3 5.42 -7.05 -0.70
CA ALA A 3 4.00 -7.22 -0.43
C ALA A 3 3.16 -6.61 -1.55
N LYS A 4 2.44 -7.46 -2.26
CA LYS A 4 1.58 -7.02 -3.36
C LYS A 4 0.24 -6.51 -2.83
N GLU A 5 -0.69 -6.22 -3.72
CA GLU A 5 -2.00 -5.74 -3.31
C GLU A 5 -2.63 -6.69 -2.29
N GLY A 6 -3.11 -6.13 -1.19
CA GLY A 6 -3.76 -6.92 -0.14
C GLY A 6 -2.74 -7.75 0.65
N GLU A 7 -1.47 -7.35 0.60
CA GLU A 7 -0.43 -8.08 1.32
C GLU A 7 0.05 -7.24 2.50
N VAL A 8 0.51 -7.92 3.54
CA VAL A 8 0.98 -7.23 4.73
C VAL A 8 2.14 -6.30 4.40
N CYS A 9 2.02 -5.04 4.85
CA CYS A 9 3.08 -4.06 4.58
C CYS A 9 3.43 -3.31 5.86
N SER A 10 3.99 -2.12 5.70
CA SER A 10 4.38 -1.29 6.83
C SER A 10 5.48 -1.98 7.64
N TRP A 11 5.24 -2.14 8.94
CA TRP A 11 6.22 -2.77 9.81
C TRP A 11 6.62 -4.14 9.28
N GLY A 12 5.69 -4.82 8.63
CA GLY A 12 5.98 -6.13 8.09
C GLY A 12 7.07 -6.07 7.03
N LYS A 13 6.98 -5.08 6.14
CA LYS A 13 7.98 -4.91 5.07
C LYS A 13 7.64 -3.68 4.23
N LYS A 14 7.83 -3.79 2.91
CA LYS A 14 7.53 -2.71 2.00
C LYS A 14 6.64 -3.20 0.88
N CYS A 15 5.68 -2.36 0.51
CA CYS A 15 4.74 -2.71 -0.55
C CYS A 15 5.41 -2.50 -1.91
N CYS A 16 5.04 -3.32 -2.89
CA CYS A 16 5.63 -3.23 -4.22
C CYS A 16 5.38 -1.85 -4.81
N ASP A 17 4.18 -1.33 -4.63
CA ASP A 17 3.84 0.00 -5.15
C ASP A 17 3.26 0.87 -4.05
N LEU A 18 4.10 1.69 -3.45
CA LEU A 18 3.67 2.57 -2.36
C LEU A 18 3.04 3.85 -2.94
N ASP A 19 3.11 4.00 -4.26
CA ASP A 19 2.55 5.17 -4.91
C ASP A 19 1.09 4.92 -5.34
N ASN A 20 0.78 3.66 -5.64
CA ASN A 20 -0.56 3.30 -6.07
C ASN A 20 -1.34 2.65 -4.93
N PHE A 21 -0.62 2.21 -3.89
CA PHE A 21 -1.24 1.56 -2.75
C PHE A 21 -0.80 2.21 -1.46
N TYR A 22 -1.54 1.97 -0.37
CA TYR A 22 -1.20 2.55 0.91
C TYR A 22 -1.27 1.50 2.02
N CYS A 23 -0.64 1.80 3.15
CA CYS A 23 -0.64 0.89 4.28
C CYS A 23 -1.63 1.36 5.36
N PRO A 24 -2.74 0.68 5.53
CA PRO A 24 -3.77 1.05 6.55
C PRO A 24 -3.16 1.22 7.94
N MET A 25 -3.79 2.06 8.75
CA MET A 25 -3.32 2.31 10.11
C MET A 25 -3.89 1.28 11.08
N GLU A 26 -3.98 0.03 10.65
CA GLU A 26 -4.50 -1.03 11.49
C GLU A 26 -3.37 -1.89 12.04
N PHE A 27 -3.74 -2.90 12.80
CA PHE A 27 -2.76 -3.80 13.40
C PHE A 27 -1.92 -4.47 12.32
N ILE A 28 -2.60 -4.97 11.29
CA ILE A 28 -1.91 -5.62 10.17
C ILE A 28 -2.29 -4.94 8.86
N PRO A 29 -1.63 -3.86 8.53
CA PRO A 29 -1.91 -3.09 7.28
C PRO A 29 -1.75 -3.95 6.03
N HIS A 30 -2.64 -3.75 5.07
CA HIS A 30 -2.55 -4.50 3.82
C HIS A 30 -2.57 -3.53 2.63
N CYS A 31 -1.65 -3.77 1.70
CA CYS A 31 -1.57 -2.91 0.52
C CYS A 31 -2.97 -2.73 -0.08
N LYS A 32 -3.40 -1.48 -0.19
CA LYS A 32 -4.72 -1.18 -0.73
C LYS A 32 -4.63 -0.07 -1.76
N LYS A 33 -5.19 -0.31 -2.94
CA LYS A 33 -5.17 0.67 -4.00
C LYS A 33 -6.01 1.89 -3.68
N TYR A 34 -5.46 3.06 -3.98
CA TYR A 34 -6.12 4.32 -3.72
C TYR A 34 -5.57 5.41 -4.61
N LYS A 35 -6.32 6.52 -4.70
CA LYS A 35 -5.90 7.65 -5.52
C LYS A 35 -5.19 7.18 -6.79
N PRO A 36 -5.86 6.39 -7.59
CA PRO A 36 -5.28 5.87 -8.86
C PRO A 36 -5.15 6.95 -9.94
N TYR A 37 -4.22 6.73 -10.86
CA TYR A 37 -4.00 7.69 -11.94
C TYR A 37 -4.31 7.05 -13.29
N VAL A 38 -3.28 6.89 -14.09
CA VAL A 38 -3.45 6.29 -15.42
C VAL A 38 -2.39 5.21 -15.66
N PRO A 39 -2.49 4.09 -14.98
CA PRO A 39 -1.51 2.97 -15.12
C PRO A 39 -1.69 2.21 -16.41
N VAL A 40 -0.63 1.52 -16.84
CA VAL A 40 -0.68 0.74 -18.09
C VAL A 40 -1.46 -0.55 -17.89
N THR A 41 -2.46 -0.76 -18.74
CA THR A 41 -3.28 -1.97 -18.64
C THR A 41 -3.85 -2.33 -20.02
N THR A 42 -4.19 -3.61 -20.19
CA THR A 42 -4.74 -4.06 -21.45
C THR A 42 -6.23 -3.77 -21.54
N ASP A 1 11.97 -9.59 -2.52
CA ASP A 1 10.49 -9.75 -2.66
C ASP A 1 9.79 -8.45 -2.26
N CYS A 2 8.48 -8.44 -2.39
CA CYS A 2 7.69 -7.26 -2.05
C CYS A 2 6.26 -7.64 -1.69
N ALA A 3 5.51 -6.68 -1.15
CA ALA A 3 4.13 -6.93 -0.78
C ALA A 3 3.18 -6.49 -1.88
N LYS A 4 2.21 -7.35 -2.21
CA LYS A 4 1.24 -7.05 -3.25
C LYS A 4 -0.06 -6.55 -2.64
N GLU A 5 -1.10 -6.46 -3.47
CA GLU A 5 -2.39 -5.98 -2.99
C GLU A 5 -3.00 -6.98 -2.00
N GLY A 6 -3.39 -6.47 -0.84
CA GLY A 6 -3.99 -7.31 0.20
C GLY A 6 -2.92 -7.93 1.08
N GLU A 7 -1.65 -7.73 0.71
CA GLU A 7 -0.55 -8.29 1.50
C GLU A 7 -0.08 -7.30 2.54
N VAL A 8 0.44 -7.81 3.64
CA VAL A 8 0.90 -6.95 4.73
C VAL A 8 2.00 -6.02 4.25
N CYS A 9 1.98 -4.76 4.71
CA CYS A 9 2.99 -3.80 4.30
C CYS A 9 3.61 -3.13 5.51
N SER A 10 4.75 -2.48 5.32
CA SER A 10 5.44 -1.80 6.41
C SER A 10 5.79 -2.79 7.51
N TRP A 11 5.79 -2.32 8.75
CA TRP A 11 6.11 -3.17 9.89
C TRP A 11 7.40 -3.95 9.63
N GLY A 12 8.18 -3.49 8.64
CA GLY A 12 9.44 -4.14 8.31
C GLY A 12 9.42 -4.66 6.88
N LYS A 13 8.32 -4.43 6.18
CA LYS A 13 8.16 -4.88 4.79
C LYS A 13 7.79 -3.71 3.89
N LYS A 14 8.20 -3.78 2.62
CA LYS A 14 7.90 -2.73 1.66
C LYS A 14 6.99 -3.26 0.55
N CYS A 15 5.92 -2.54 0.29
CA CYS A 15 4.98 -2.95 -0.73
C CYS A 15 5.56 -2.66 -2.11
N CYS A 16 5.31 -3.57 -3.05
CA CYS A 16 5.83 -3.41 -4.40
C CYS A 16 5.52 -2.03 -4.95
N ASP A 17 4.37 -1.50 -4.58
CA ASP A 17 3.96 -0.18 -5.04
C ASP A 17 3.37 0.65 -3.90
N LEU A 18 4.22 1.32 -3.15
CA LEU A 18 3.77 2.13 -2.03
C LEU A 18 3.07 3.39 -2.52
N ASP A 19 3.32 3.75 -3.78
CA ASP A 19 2.71 4.94 -4.36
C ASP A 19 1.26 4.70 -4.74
N ASN A 20 1.01 3.61 -5.46
CA ASN A 20 -0.35 3.28 -5.89
C ASN A 20 -1.13 2.63 -4.77
N PHE A 21 -0.43 2.19 -3.72
CA PHE A 21 -1.09 1.54 -2.58
C PHE A 21 -0.69 2.24 -1.28
N TYR A 22 -1.53 2.10 -0.27
CA TYR A 22 -1.27 2.71 1.02
C TYR A 22 -1.38 1.67 2.13
N CYS A 23 -0.82 2.00 3.30
CA CYS A 23 -0.85 1.09 4.43
C CYS A 23 -1.91 1.53 5.46
N PRO A 24 -3.00 0.80 5.58
CA PRO A 24 -4.09 1.12 6.56
C PRO A 24 -3.57 1.25 7.99
N MET A 25 -4.24 2.07 8.78
CA MET A 25 -3.84 2.27 10.17
C MET A 25 -4.42 1.19 11.07
N GLU A 26 -3.93 -0.04 10.90
CA GLU A 26 -4.41 -1.16 11.70
C GLU A 26 -3.24 -2.01 12.15
N PHE A 27 -3.55 -3.04 12.94
CA PHE A 27 -2.52 -3.94 13.46
C PHE A 27 -1.78 -4.62 12.32
N ILE A 28 -2.52 -4.99 11.28
CA ILE A 28 -1.95 -5.66 10.12
C ILE A 28 -2.36 -4.94 8.83
N PRO A 29 -1.74 -3.83 8.54
CA PRO A 29 -2.06 -3.03 7.32
C PRO A 29 -1.88 -3.82 6.04
N HIS A 30 -2.77 -3.62 5.08
CA HIS A 30 -2.66 -4.31 3.81
C HIS A 30 -2.54 -3.30 2.66
N CYS A 31 -1.82 -3.68 1.62
CA CYS A 31 -1.63 -2.79 0.49
C CYS A 31 -2.93 -2.61 -0.28
N LYS A 32 -3.55 -1.44 -0.14
CA LYS A 32 -4.80 -1.14 -0.83
C LYS A 32 -4.59 -0.09 -1.89
N LYS A 33 -5.02 -0.38 -3.12
CA LYS A 33 -4.86 0.55 -4.22
C LYS A 33 -5.77 1.77 -4.06
N TYR A 34 -5.18 2.95 -4.19
CA TYR A 34 -5.91 4.20 -4.05
C TYR A 34 -5.28 5.27 -4.91
N LYS A 35 -6.06 6.31 -5.22
CA LYS A 35 -5.59 7.42 -6.03
C LYS A 35 -4.58 6.95 -7.09
N PRO A 36 -5.02 6.11 -8.00
CA PRO A 36 -4.14 5.57 -9.07
C PRO A 36 -3.34 6.66 -9.77
N TYR A 37 -4.05 7.54 -10.47
CA TYR A 37 -3.41 8.64 -11.19
C TYR A 37 -4.25 9.91 -11.10
N VAL A 38 -3.61 11.05 -11.34
CA VAL A 38 -4.32 12.34 -11.30
C VAL A 38 -4.03 13.14 -12.56
N PRO A 39 -4.51 12.67 -13.70
CA PRO A 39 -4.31 13.37 -15.01
C PRO A 39 -5.16 14.62 -15.12
N VAL A 40 -4.74 15.54 -15.99
CA VAL A 40 -5.48 16.78 -16.19
C VAL A 40 -6.32 16.71 -17.46
N THR A 41 -7.62 16.92 -17.31
CA THR A 41 -8.53 16.88 -18.45
C THR A 41 -8.33 18.10 -19.33
N THR A 42 -8.51 17.91 -20.64
CA THR A 42 -8.35 19.01 -21.59
C THR A 42 -9.68 19.74 -21.80
N ASP A 1 11.43 -8.91 -3.56
CA ASP A 1 10.85 -9.13 -2.21
C ASP A 1 10.08 -7.87 -1.78
N CYS A 2 8.76 -7.89 -2.01
CA CYS A 2 7.92 -6.76 -1.65
C CYS A 2 6.48 -7.20 -1.40
N ALA A 3 5.72 -6.34 -0.73
CA ALA A 3 4.32 -6.65 -0.44
C ALA A 3 3.45 -6.41 -1.66
N LYS A 4 2.39 -7.20 -1.81
CA LYS A 4 1.47 -7.07 -2.94
C LYS A 4 0.08 -6.65 -2.46
N GLU A 5 -0.80 -6.34 -3.41
CA GLU A 5 -2.14 -5.92 -3.06
C GLU A 5 -2.78 -6.90 -2.07
N GLY A 6 -3.25 -6.37 -0.95
CA GLY A 6 -3.88 -7.18 0.08
C GLY A 6 -2.84 -7.88 0.93
N GLU A 7 -1.56 -7.57 0.68
CA GLU A 7 -0.49 -8.18 1.45
C GLU A 7 -0.10 -7.30 2.63
N VAL A 8 0.34 -7.93 3.71
CA VAL A 8 0.71 -7.18 4.91
C VAL A 8 1.82 -6.19 4.58
N CYS A 9 1.71 -4.98 5.16
CA CYS A 9 2.72 -3.94 4.92
C CYS A 9 3.13 -3.28 6.24
N SER A 10 4.33 -2.70 6.26
CA SER A 10 4.85 -2.04 7.45
C SER A 10 5.23 -3.04 8.52
N TRP A 11 4.40 -4.07 8.68
CA TRP A 11 4.65 -5.09 9.68
C TRP A 11 6.03 -5.70 9.46
N GLY A 12 6.69 -5.27 8.37
CA GLY A 12 8.01 -5.79 8.06
C GLY A 12 8.23 -5.87 6.54
N LYS A 13 7.21 -5.45 5.79
CA LYS A 13 7.29 -5.49 4.34
C LYS A 13 6.86 -4.14 3.75
N LYS A 14 7.45 -3.79 2.61
CA LYS A 14 7.13 -2.53 1.94
C LYS A 14 6.33 -2.81 0.69
N CYS A 15 5.26 -2.05 0.51
CA CYS A 15 4.41 -2.22 -0.65
C CYS A 15 5.21 -2.03 -1.92
N CYS A 16 5.15 -3.03 -2.80
CA CYS A 16 5.89 -2.99 -4.05
C CYS A 16 5.60 -1.70 -4.82
N ASP A 17 4.34 -1.31 -4.84
CA ASP A 17 3.94 -0.09 -5.55
C ASP A 17 4.32 1.15 -4.74
N LEU A 18 4.11 1.10 -3.43
CA LEU A 18 4.43 2.23 -2.55
C LEU A 18 4.02 3.54 -3.20
N ASP A 19 3.11 3.46 -4.17
CA ASP A 19 2.64 4.64 -4.88
C ASP A 19 1.14 4.61 -5.05
N ASN A 20 0.65 3.67 -5.85
CA ASN A 20 -0.79 3.55 -6.09
C ASN A 20 -1.44 2.79 -4.95
N PHE A 21 -0.63 2.27 -4.05
CA PHE A 21 -1.13 1.52 -2.90
C PHE A 21 -0.65 2.17 -1.61
N TYR A 22 -1.46 2.05 -0.56
CA TYR A 22 -1.10 2.63 0.73
C TYR A 22 -1.12 1.56 1.81
N CYS A 23 -0.45 1.84 2.91
CA CYS A 23 -0.39 0.90 4.01
C CYS A 23 -1.30 1.38 5.16
N PRO A 24 -2.42 0.74 5.41
CA PRO A 24 -3.36 1.15 6.50
C PRO A 24 -2.69 1.25 7.86
N MET A 25 -3.40 1.85 8.81
CA MET A 25 -2.87 2.00 10.17
C MET A 25 -3.68 1.13 11.15
N GLU A 26 -3.26 -0.11 11.31
CA GLU A 26 -3.94 -1.04 12.21
C GLU A 26 -2.97 -2.14 12.65
N PHE A 27 -3.52 -3.17 13.26
CA PHE A 27 -2.71 -4.29 13.75
C PHE A 27 -1.99 -4.98 12.58
N ILE A 28 -2.74 -5.26 11.52
CA ILE A 28 -2.18 -5.93 10.35
C ILE A 28 -2.62 -5.24 9.05
N PRO A 29 -2.04 -4.11 8.76
CA PRO A 29 -2.37 -3.33 7.52
C PRO A 29 -2.13 -4.13 6.26
N HIS A 30 -2.90 -3.85 5.23
CA HIS A 30 -2.72 -4.54 3.96
C HIS A 30 -2.66 -3.55 2.80
N CYS A 31 -1.77 -3.81 1.84
CA CYS A 31 -1.62 -2.94 0.68
C CYS A 31 -2.97 -2.78 -0.03
N LYS A 32 -3.40 -1.54 -0.21
CA LYS A 32 -4.67 -1.28 -0.88
C LYS A 32 -4.56 -0.14 -1.88
N LYS A 33 -5.14 -0.33 -3.05
CA LYS A 33 -5.11 0.69 -4.10
C LYS A 33 -5.98 1.87 -3.73
N TYR A 34 -5.46 3.08 -3.94
CA TYR A 34 -6.17 4.30 -3.64
C TYR A 34 -5.73 5.42 -4.55
N LYS A 35 -6.45 6.53 -4.52
CA LYS A 35 -6.15 7.68 -5.36
C LYS A 35 -6.11 8.97 -4.54
N PRO A 36 -4.97 9.36 -4.00
CA PRO A 36 -4.85 10.61 -3.19
C PRO A 36 -4.83 11.86 -4.04
N TYR A 37 -5.31 11.75 -5.28
CA TYR A 37 -5.34 12.88 -6.21
C TYR A 37 -3.93 13.25 -6.64
N VAL A 38 -3.00 12.31 -6.47
CA VAL A 38 -1.61 12.54 -6.86
C VAL A 38 -1.03 11.30 -7.52
N PRO A 39 -1.45 11.00 -8.72
CA PRO A 39 -0.96 9.80 -9.48
C PRO A 39 0.54 9.83 -9.67
N VAL A 40 1.08 11.02 -9.84
CA VAL A 40 2.52 11.19 -10.04
C VAL A 40 3.07 12.30 -9.15
N THR A 41 4.38 12.29 -8.93
CA THR A 41 5.02 13.30 -8.09
C THR A 41 5.94 14.19 -8.93
N THR A 42 5.76 15.50 -8.81
CA THR A 42 6.58 16.45 -9.56
C THR A 42 8.04 16.34 -9.14
N ASP A 1 9.66 -9.77 -4.16
CA ASP A 1 10.65 -9.01 -3.33
C ASP A 1 9.93 -7.88 -2.60
N CYS A 2 8.60 -7.90 -2.67
CA CYS A 2 7.79 -6.88 -2.02
C CYS A 2 6.37 -7.37 -1.77
N ALA A 3 5.65 -6.66 -0.90
CA ALA A 3 4.28 -7.04 -0.58
C ALA A 3 3.36 -6.72 -1.76
N LYS A 4 2.47 -7.65 -2.07
CA LYS A 4 1.51 -7.47 -3.17
C LYS A 4 0.19 -6.92 -2.64
N GLU A 5 -0.69 -6.54 -3.55
CA GLU A 5 -1.99 -6.00 -3.16
C GLU A 5 -2.68 -6.92 -2.15
N GLY A 6 -3.11 -6.33 -1.04
CA GLY A 6 -3.79 -7.08 0.02
C GLY A 6 -2.78 -7.79 0.92
N GLU A 7 -1.50 -7.60 0.63
CA GLU A 7 -0.45 -8.24 1.43
C GLU A 7 -0.02 -7.33 2.57
N VAL A 8 0.43 -7.93 3.66
CA VAL A 8 0.85 -7.17 4.82
C VAL A 8 1.97 -6.21 4.46
N CYS A 9 1.86 -4.97 4.92
CA CYS A 9 2.89 -3.96 4.64
C CYS A 9 3.12 -3.06 5.85
N SER A 10 4.27 -2.41 5.89
CA SER A 10 4.60 -1.51 7.00
C SER A 10 4.90 -2.31 8.26
N TRP A 11 4.09 -3.34 8.51
CA TRP A 11 4.28 -4.19 9.67
C TRP A 11 5.69 -4.75 9.69
N GLY A 12 6.45 -4.48 8.63
CA GLY A 12 7.82 -4.98 8.53
C GLY A 12 8.20 -5.28 7.09
N LYS A 13 7.27 -5.00 6.17
CA LYS A 13 7.51 -5.23 4.75
C LYS A 13 7.07 -4.03 3.92
N LYS A 14 7.75 -3.83 2.78
CA LYS A 14 7.42 -2.71 1.90
C LYS A 14 6.52 -3.19 0.78
N CYS A 15 5.54 -2.35 0.44
CA CYS A 15 4.60 -2.68 -0.61
C CYS A 15 5.27 -2.55 -1.98
N CYS A 16 4.84 -3.38 -2.92
CA CYS A 16 5.40 -3.36 -4.26
C CYS A 16 5.20 -2.00 -4.91
N ASP A 17 4.03 -1.42 -4.72
CA ASP A 17 3.72 -0.10 -5.27
C ASP A 17 3.29 0.86 -4.18
N LEU A 18 4.25 1.59 -3.63
CA LEU A 18 3.95 2.55 -2.56
C LEU A 18 3.40 3.84 -3.15
N ASP A 19 3.40 3.94 -4.47
CA ASP A 19 2.92 5.13 -5.13
C ASP A 19 1.47 4.95 -5.58
N ASN A 20 0.94 3.73 -5.44
CA ASN A 20 -0.43 3.45 -5.84
C ASN A 20 -1.17 2.73 -4.72
N PHE A 21 -0.44 2.33 -3.68
CA PHE A 21 -1.03 1.63 -2.55
C PHE A 21 -0.62 2.28 -1.23
N TYR A 22 -1.38 2.00 -0.18
CA TYR A 22 -1.09 2.56 1.13
C TYR A 22 -1.21 1.50 2.20
N CYS A 23 -0.61 1.78 3.36
CA CYS A 23 -0.67 0.84 4.47
C CYS A 23 -1.68 1.32 5.52
N PRO A 24 -2.81 0.67 5.66
CA PRO A 24 -3.86 1.05 6.66
C PRO A 24 -3.28 1.25 8.05
N MET A 25 -4.01 1.97 8.88
CA MET A 25 -3.57 2.24 10.25
C MET A 25 -3.87 1.06 11.17
N GLU A 26 -4.55 0.06 10.63
CA GLU A 26 -4.88 -1.12 11.39
C GLU A 26 -3.61 -1.84 11.82
N PHE A 27 -3.73 -2.60 12.89
CA PHE A 27 -2.60 -3.35 13.43
C PHE A 27 -2.04 -4.32 12.39
N ILE A 28 -2.79 -4.50 11.31
CA ILE A 28 -2.36 -5.37 10.22
C ILE A 28 -2.62 -4.70 8.87
N PRO A 29 -1.84 -3.72 8.53
CA PRO A 29 -2.00 -2.98 7.25
C PRO A 29 -1.84 -3.88 6.04
N HIS A 30 -2.68 -3.68 5.04
CA HIS A 30 -2.60 -4.47 3.81
C HIS A 30 -2.52 -3.55 2.59
N CYS A 31 -1.63 -3.89 1.66
CA CYS A 31 -1.48 -3.09 0.46
C CYS A 31 -2.82 -2.84 -0.19
N LYS A 32 -3.31 -1.60 -0.06
CA LYS A 32 -4.60 -1.25 -0.62
C LYS A 32 -4.44 -0.15 -1.67
N LYS A 33 -4.99 -0.40 -2.86
CA LYS A 33 -4.91 0.58 -3.94
C LYS A 33 -5.91 1.71 -3.72
N TYR A 34 -5.47 2.91 -4.05
CA TYR A 34 -6.28 4.12 -3.89
C TYR A 34 -5.94 5.17 -4.95
N LYS A 35 -6.25 6.44 -4.65
CA LYS A 35 -5.97 7.54 -5.56
C LYS A 35 -4.93 8.49 -4.96
N PRO A 36 -3.67 8.36 -5.32
CA PRO A 36 -2.57 9.25 -4.78
C PRO A 36 -2.91 10.73 -4.96
N TYR A 37 -2.49 11.55 -4.00
CA TYR A 37 -2.75 12.98 -4.04
C TYR A 37 -1.47 13.76 -4.32
N VAL A 38 -1.61 14.86 -5.03
CA VAL A 38 -0.44 15.68 -5.37
C VAL A 38 0.22 16.23 -4.10
N PRO A 39 1.53 16.42 -4.13
CA PRO A 39 2.27 16.97 -2.96
C PRO A 39 1.93 18.43 -2.67
N VAL A 40 2.12 18.84 -1.42
CA VAL A 40 1.82 20.21 -1.02
C VAL A 40 3.11 20.96 -0.69
N THR A 41 3.13 22.25 -1.00
CA THR A 41 4.30 23.08 -0.74
C THR A 41 5.48 22.59 -1.56
N THR A 42 5.53 23.00 -2.82
CA THR A 42 6.61 22.61 -3.71
C THR A 42 7.84 23.47 -3.48
N ASP A 1 9.84 -10.63 -2.18
CA ASP A 1 10.60 -9.40 -2.50
C ASP A 1 9.83 -8.17 -2.00
N CYS A 2 8.52 -8.22 -2.14
CA CYS A 2 7.67 -7.12 -1.69
C CYS A 2 6.24 -7.60 -1.46
N ALA A 3 5.43 -6.73 -0.84
CA ALA A 3 4.04 -7.08 -0.58
C ALA A 3 3.14 -6.56 -1.70
N LYS A 4 2.38 -7.47 -2.31
CA LYS A 4 1.48 -7.10 -3.40
C LYS A 4 0.19 -6.51 -2.84
N GLU A 5 -0.81 -6.36 -3.70
CA GLU A 5 -2.09 -5.81 -3.26
C GLU A 5 -2.75 -6.69 -2.20
N GLY A 6 -3.13 -6.07 -1.09
CA GLY A 6 -3.78 -6.79 0.01
C GLY A 6 -2.76 -7.55 0.85
N GLU A 7 -1.49 -7.41 0.50
CA GLU A 7 -0.44 -8.09 1.24
C GLU A 7 0.01 -7.24 2.41
N VAL A 8 0.52 -7.89 3.46
CA VAL A 8 0.96 -7.17 4.64
C VAL A 8 2.09 -6.21 4.31
N CYS A 9 1.93 -4.94 4.70
CA CYS A 9 2.95 -3.94 4.43
C CYS A 9 3.15 -3.04 5.63
N SER A 10 4.32 -3.13 6.23
CA SER A 10 4.64 -2.32 7.40
C SER A 10 6.09 -2.51 7.83
N TRP A 11 6.31 -2.60 9.14
CA TRP A 11 7.66 -2.76 9.67
C TRP A 11 8.28 -4.06 9.14
N GLY A 12 7.47 -5.11 9.07
CA GLY A 12 7.96 -6.40 8.58
C GLY A 12 8.36 -6.33 7.11
N LYS A 13 7.49 -5.74 6.30
CA LYS A 13 7.73 -5.63 4.86
C LYS A 13 7.15 -4.32 4.32
N LYS A 14 7.55 -3.95 3.10
CA LYS A 14 7.07 -2.73 2.47
C LYS A 14 6.30 -3.08 1.21
N CYS A 15 5.23 -2.33 0.97
CA CYS A 15 4.40 -2.56 -0.20
C CYS A 15 5.20 -2.30 -1.47
N CYS A 16 5.09 -3.20 -2.44
CA CYS A 16 5.82 -3.05 -3.70
C CYS A 16 5.62 -1.65 -4.26
N ASP A 17 4.39 -1.35 -4.67
CA ASP A 17 4.08 -0.05 -5.24
C ASP A 17 3.39 0.82 -4.19
N LEU A 18 4.18 1.67 -3.53
CA LEU A 18 3.63 2.56 -2.51
C LEU A 18 3.00 3.79 -3.14
N ASP A 19 3.25 3.96 -4.44
CA ASP A 19 2.69 5.10 -5.16
C ASP A 19 1.30 4.78 -5.69
N ASN A 20 0.85 3.56 -5.44
CA ASN A 20 -0.47 3.13 -5.89
C ASN A 20 -1.24 2.50 -4.76
N PHE A 21 -0.53 1.83 -3.85
CA PHE A 21 -1.18 1.19 -2.71
C PHE A 21 -0.69 1.82 -1.42
N TYR A 22 -1.58 1.87 -0.42
CA TYR A 22 -1.22 2.46 0.87
C TYR A 22 -1.33 1.41 1.96
N CYS A 23 -0.70 1.70 3.11
CA CYS A 23 -0.73 0.78 4.23
C CYS A 23 -1.69 1.30 5.32
N PRO A 24 -2.84 0.69 5.49
CA PRO A 24 -3.84 1.10 6.51
C PRO A 24 -3.22 1.25 7.90
N MET A 25 -3.82 2.13 8.70
CA MET A 25 -3.31 2.37 10.05
C MET A 25 -3.83 1.30 11.02
N GLU A 26 -3.25 0.11 10.94
CA GLU A 26 -3.66 -1.00 11.80
C GLU A 26 -2.44 -1.84 12.19
N PHE A 27 -2.69 -2.85 13.00
CA PHE A 27 -1.62 -3.74 13.46
C PHE A 27 -0.93 -4.39 12.26
N ILE A 28 -1.73 -4.89 11.33
CA ILE A 28 -1.19 -5.53 10.13
C ILE A 28 -1.80 -4.91 8.87
N PRO A 29 -1.29 -3.78 8.46
CA PRO A 29 -1.79 -3.06 7.26
C PRO A 29 -1.73 -3.91 6.01
N HIS A 30 -2.69 -3.71 5.11
CA HIS A 30 -2.73 -4.48 3.86
C HIS A 30 -2.73 -3.54 2.66
N CYS A 31 -1.84 -3.80 1.71
CA CYS A 31 -1.75 -2.95 0.53
C CYS A 31 -3.11 -2.76 -0.10
N LYS A 32 -3.51 -1.51 -0.27
CA LYS A 32 -4.80 -1.19 -0.86
C LYS A 32 -4.66 -0.03 -1.83
N LYS A 33 -5.18 -0.24 -3.04
CA LYS A 33 -5.13 0.79 -4.07
C LYS A 33 -6.00 1.99 -3.71
N TYR A 34 -5.49 3.18 -3.98
CA TYR A 34 -6.19 4.41 -3.67
C TYR A 34 -5.71 5.52 -4.58
N LYS A 35 -6.48 6.61 -4.61
CA LYS A 35 -6.16 7.78 -5.45
C LYS A 35 -4.67 7.81 -5.80
N PRO A 36 -4.30 7.13 -6.85
CA PRO A 36 -2.86 7.05 -7.29
C PRO A 36 -2.28 8.43 -7.58
N TYR A 37 -0.97 8.56 -7.42
CA TYR A 37 -0.31 9.83 -7.66
C TYR A 37 0.41 9.80 -9.00
N VAL A 38 0.38 10.91 -9.72
CA VAL A 38 1.03 11.00 -11.02
C VAL A 38 1.94 12.23 -11.08
N PRO A 39 3.05 12.20 -10.39
CA PRO A 39 4.03 13.32 -10.35
C PRO A 39 4.83 13.42 -11.64
N VAL A 40 5.41 14.58 -11.89
CA VAL A 40 6.21 14.79 -13.10
C VAL A 40 7.49 13.95 -13.04
N THR A 41 7.72 13.18 -14.09
CA THR A 41 8.91 12.34 -14.16
C THR A 41 9.71 12.63 -15.43
N THR A 42 11.01 12.85 -15.27
CA THR A 42 11.88 13.14 -16.40
C THR A 42 13.30 12.64 -16.13
N ASP A 1 11.79 -9.21 -2.95
CA ASP A 1 10.50 -9.56 -2.29
C ASP A 1 9.75 -8.28 -1.94
N CYS A 2 8.44 -8.28 -2.15
CA CYS A 2 7.63 -7.10 -1.85
C CYS A 2 6.20 -7.51 -1.51
N ALA A 3 5.45 -6.59 -0.91
CA ALA A 3 4.07 -6.88 -0.55
C ALA A 3 3.12 -6.49 -1.69
N LYS A 4 2.45 -7.49 -2.26
CA LYS A 4 1.51 -7.25 -3.35
C LYS A 4 0.24 -6.62 -2.82
N GLU A 5 -0.78 -6.54 -3.67
CA GLU A 5 -2.06 -5.97 -3.27
C GLU A 5 -2.73 -6.82 -2.19
N GLY A 6 -3.12 -6.16 -1.10
CA GLY A 6 -3.78 -6.84 0.01
C GLY A 6 -2.77 -7.56 0.88
N GLU A 7 -1.49 -7.44 0.54
CA GLU A 7 -0.44 -8.09 1.32
C GLU A 7 -0.06 -7.22 2.51
N VAL A 8 0.44 -7.87 3.56
CA VAL A 8 0.83 -7.14 4.75
C VAL A 8 1.97 -6.18 4.44
N CYS A 9 1.87 -4.95 4.95
CA CYS A 9 2.91 -3.95 4.71
C CYS A 9 3.17 -3.15 5.97
N SER A 10 4.29 -2.43 6.00
CA SER A 10 4.64 -1.62 7.16
C SER A 10 5.17 -2.50 8.29
N TRP A 11 4.67 -3.73 8.37
CA TRP A 11 5.11 -4.66 9.40
C TRP A 11 6.55 -5.09 9.13
N GLY A 12 7.31 -4.23 8.47
CA GLY A 12 8.70 -4.53 8.15
C GLY A 12 8.86 -4.88 6.68
N LYS A 13 7.76 -4.80 5.93
CA LYS A 13 7.78 -5.11 4.51
C LYS A 13 7.30 -3.91 3.70
N LYS A 14 7.89 -3.72 2.53
CA LYS A 14 7.52 -2.61 1.67
C LYS A 14 6.62 -3.09 0.54
N CYS A 15 5.54 -2.34 0.31
CA CYS A 15 4.60 -2.70 -0.73
C CYS A 15 5.23 -2.45 -2.10
N CYS A 16 5.18 -3.46 -2.97
CA CYS A 16 5.77 -3.34 -4.29
C CYS A 16 5.51 -1.97 -4.89
N ASP A 17 4.34 -1.42 -4.63
CA ASP A 17 3.97 -0.10 -5.14
C ASP A 17 3.33 0.75 -4.05
N LEU A 18 4.16 1.44 -3.27
CA LEU A 18 3.68 2.28 -2.20
C LEU A 18 2.98 3.53 -2.77
N ASP A 19 3.30 3.85 -4.01
CA ASP A 19 2.71 5.02 -4.66
C ASP A 19 1.27 4.74 -5.05
N ASN A 20 1.00 3.51 -5.47
CA ASN A 20 -0.35 3.14 -5.89
C ASN A 20 -1.11 2.50 -4.74
N PHE A 21 -0.37 1.97 -3.78
CA PHE A 21 -0.98 1.32 -2.61
C PHE A 21 -0.56 2.02 -1.34
N TYR A 22 -1.37 1.88 -0.29
CA TYR A 22 -1.07 2.50 1.00
C TYR A 22 -1.22 1.48 2.12
N CYS A 23 -0.63 1.81 3.27
CA CYS A 23 -0.69 0.93 4.44
C CYS A 23 -1.71 1.43 5.47
N PRO A 24 -2.84 0.77 5.61
CA PRO A 24 -3.90 1.17 6.59
C PRO A 24 -3.36 1.29 8.00
N MET A 25 -4.02 2.12 8.80
CA MET A 25 -3.61 2.33 10.18
C MET A 25 -4.27 1.29 11.09
N GLU A 26 -3.66 0.11 11.16
CA GLU A 26 -4.19 -0.96 11.98
C GLU A 26 -3.07 -1.89 12.42
N PHE A 27 -3.43 -2.93 13.17
CA PHE A 27 -2.45 -3.89 13.67
C PHE A 27 -1.73 -4.56 12.50
N ILE A 28 -2.49 -4.98 11.49
CA ILE A 28 -1.92 -5.64 10.32
C ILE A 28 -2.35 -4.94 9.03
N PRO A 29 -1.71 -3.86 8.69
CA PRO A 29 -2.02 -3.08 7.45
C PRO A 29 -1.89 -3.92 6.19
N HIS A 30 -2.71 -3.64 5.20
CA HIS A 30 -2.63 -4.37 3.94
C HIS A 30 -2.53 -3.40 2.77
N CYS A 31 -1.86 -3.82 1.70
CA CYS A 31 -1.71 -2.96 0.54
C CYS A 31 -3.07 -2.73 -0.13
N LYS A 32 -3.50 -1.47 -0.16
CA LYS A 32 -4.78 -1.13 -0.80
C LYS A 32 -4.58 -0.06 -1.88
N LYS A 33 -5.06 -0.35 -3.08
CA LYS A 33 -4.93 0.59 -4.19
C LYS A 33 -5.80 1.83 -3.99
N TYR A 34 -5.17 3.00 -4.14
CA TYR A 34 -5.86 4.26 -3.98
C TYR A 34 -5.30 5.32 -4.93
N LYS A 35 -4.24 4.95 -5.63
CA LYS A 35 -3.63 5.85 -6.61
C LYS A 35 -3.48 5.18 -7.99
N PRO A 36 -4.58 4.96 -8.66
CA PRO A 36 -4.58 4.35 -10.02
C PRO A 36 -4.19 5.35 -11.10
N TYR A 37 -4.09 4.87 -12.33
CA TYR A 37 -3.72 5.73 -13.45
C TYR A 37 -4.91 5.93 -14.37
N VAL A 38 -5.06 7.15 -14.89
CA VAL A 38 -6.18 7.46 -15.75
C VAL A 38 -6.06 6.70 -17.08
N PRO A 39 -7.04 5.88 -17.45
CA PRO A 39 -6.99 5.11 -18.73
C PRO A 39 -7.26 5.99 -19.95
N VAL A 40 -6.90 5.49 -21.13
CA VAL A 40 -7.12 6.23 -22.38
C VAL A 40 -7.86 5.37 -23.39
N THR A 41 -8.52 6.03 -24.34
CA THR A 41 -9.27 5.31 -25.37
C THR A 41 -8.33 4.55 -26.28
N THR A 42 -7.15 5.12 -26.52
CA THR A 42 -6.16 4.48 -27.38
C THR A 42 -5.33 3.48 -26.59
N ASP A 1 9.83 -10.60 -2.99
CA ASP A 1 10.66 -9.39 -3.26
C ASP A 1 9.94 -8.16 -2.72
N CYS A 2 8.61 -8.18 -2.80
CA CYS A 2 7.81 -7.07 -2.31
C CYS A 2 6.40 -7.54 -1.91
N ALA A 3 5.70 -6.71 -1.15
CA ALA A 3 4.35 -7.05 -0.73
C ALA A 3 3.33 -6.72 -1.81
N LYS A 4 2.50 -7.70 -2.15
CA LYS A 4 1.48 -7.52 -3.19
C LYS A 4 0.21 -6.93 -2.59
N GLU A 5 -0.80 -6.72 -3.42
CA GLU A 5 -2.06 -6.17 -2.95
C GLU A 5 -2.69 -7.08 -1.90
N GLY A 6 -3.11 -6.47 -0.79
CA GLY A 6 -3.73 -7.21 0.30
C GLY A 6 -2.70 -7.77 1.26
N GLU A 7 -1.42 -7.61 0.92
CA GLU A 7 -0.35 -8.11 1.79
C GLU A 7 0.08 -7.05 2.78
N VAL A 8 0.50 -7.48 3.96
CA VAL A 8 0.92 -6.55 4.98
C VAL A 8 2.20 -5.82 4.57
N CYS A 9 2.21 -4.51 4.76
CA CYS A 9 3.38 -3.70 4.39
C CYS A 9 3.73 -2.73 5.51
N SER A 10 4.62 -1.79 5.22
CA SER A 10 5.03 -0.80 6.21
C SER A 10 5.74 -1.45 7.40
N TRP A 11 5.01 -1.63 8.51
CA TRP A 11 5.60 -2.22 9.70
C TRP A 11 6.16 -3.60 9.38
N GLY A 12 5.54 -4.28 8.40
CA GLY A 12 5.97 -5.61 8.02
C GLY A 12 6.94 -5.55 6.84
N LYS A 13 6.39 -5.41 5.64
CA LYS A 13 7.21 -5.36 4.43
C LYS A 13 6.94 -4.07 3.64
N LYS A 14 7.55 -3.96 2.47
CA LYS A 14 7.37 -2.79 1.63
C LYS A 14 6.49 -3.14 0.44
N CYS A 15 5.44 -2.35 0.27
CA CYS A 15 4.51 -2.59 -0.82
C CYS A 15 5.20 -2.35 -2.16
N CYS A 16 5.01 -3.28 -3.09
CA CYS A 16 5.64 -3.19 -4.40
C CYS A 16 5.36 -1.84 -5.05
N ASP A 17 4.24 -1.22 -4.68
CA ASP A 17 3.86 0.08 -5.23
C ASP A 17 3.30 0.98 -4.15
N LEU A 18 4.17 1.53 -3.31
CA LEU A 18 3.75 2.41 -2.22
C LEU A 18 3.12 3.68 -2.78
N ASP A 19 3.42 3.99 -4.04
CA ASP A 19 2.88 5.19 -4.67
C ASP A 19 1.40 5.01 -4.99
N ASN A 20 1.02 3.82 -5.44
CA ASN A 20 -0.37 3.54 -5.78
C ASN A 20 -1.06 2.77 -4.66
N PHE A 21 -0.27 2.16 -3.78
CA PHE A 21 -0.84 1.41 -2.67
C PHE A 21 -0.42 2.03 -1.34
N TYR A 22 -1.27 1.88 -0.33
CA TYR A 22 -1.00 2.44 0.98
C TYR A 22 -1.15 1.38 2.05
N CYS A 23 -0.56 1.65 3.21
CA CYS A 23 -0.64 0.72 4.32
C CYS A 23 -1.59 1.25 5.40
N PRO A 24 -2.79 0.73 5.49
CA PRO A 24 -3.79 1.19 6.51
C PRO A 24 -3.19 1.28 7.90
N MET A 25 -4.04 1.56 8.88
CA MET A 25 -3.61 1.67 10.27
C MET A 25 -4.51 0.86 11.20
N GLU A 26 -4.88 -0.34 10.77
CA GLU A 26 -5.74 -1.21 11.57
C GLU A 26 -4.96 -2.44 12.05
N PHE A 27 -4.09 -2.24 13.04
CA PHE A 27 -3.29 -3.33 13.60
C PHE A 27 -2.40 -3.95 12.54
N ILE A 28 -3.01 -4.61 11.56
CA ILE A 28 -2.28 -5.27 10.48
C ILE A 28 -2.68 -4.68 9.13
N PRO A 29 -2.06 -3.60 8.72
CA PRO A 29 -2.37 -2.93 7.43
C PRO A 29 -2.18 -3.85 6.25
N HIS A 30 -2.91 -3.59 5.18
CA HIS A 30 -2.78 -4.39 3.97
C HIS A 30 -2.67 -3.49 2.74
N CYS A 31 -1.77 -3.86 1.83
CA CYS A 31 -1.58 -3.08 0.61
C CYS A 31 -2.90 -2.86 -0.09
N LYS A 32 -3.30 -1.59 -0.22
CA LYS A 32 -4.57 -1.26 -0.86
C LYS A 32 -4.36 -0.16 -1.89
N LYS A 33 -4.83 -0.39 -3.11
CA LYS A 33 -4.68 0.60 -4.17
C LYS A 33 -5.64 1.77 -3.96
N TYR A 34 -5.10 2.98 -4.08
CA TYR A 34 -5.90 4.18 -3.90
C TYR A 34 -5.46 5.27 -4.87
N LYS A 35 -5.92 6.48 -4.62
CA LYS A 35 -5.59 7.60 -5.49
C LYS A 35 -4.54 8.51 -4.82
N PRO A 36 -3.30 8.47 -5.24
CA PRO A 36 -2.23 9.34 -4.63
C PRO A 36 -2.30 10.77 -5.14
N TYR A 37 -1.70 11.69 -4.37
CA TYR A 37 -1.70 13.10 -4.74
C TYR A 37 -0.27 13.64 -4.77
N VAL A 38 -0.01 14.57 -5.68
CA VAL A 38 1.32 15.17 -5.81
C VAL A 38 1.22 16.69 -5.86
N PRO A 39 0.78 17.30 -4.78
CA PRO A 39 0.63 18.79 -4.72
C PRO A 39 1.97 19.51 -4.64
N VAL A 40 2.00 20.75 -5.11
CA VAL A 40 3.22 21.54 -5.10
C VAL A 40 3.45 22.13 -3.71
N THR A 41 4.66 21.92 -3.19
CA THR A 41 5.00 22.44 -1.87
C THR A 41 6.02 23.57 -1.98
N THR A 42 5.69 24.71 -1.36
CA THR A 42 6.59 25.86 -1.40
C THR A 42 7.75 25.68 -0.44
N ASP A 1 9.53 -10.78 -2.75
CA ASP A 1 10.48 -9.65 -2.61
C ASP A 1 9.73 -8.40 -2.19
N CYS A 2 8.41 -8.40 -2.37
CA CYS A 2 7.59 -7.25 -1.99
C CYS A 2 6.17 -7.70 -1.65
N ALA A 3 5.42 -6.82 -0.98
CA ALA A 3 4.06 -7.14 -0.60
C ALA A 3 3.08 -6.67 -1.68
N LYS A 4 2.35 -7.61 -2.28
CA LYS A 4 1.39 -7.29 -3.32
C LYS A 4 0.11 -6.75 -2.70
N GLU A 5 -0.90 -6.51 -3.55
CA GLU A 5 -2.17 -5.99 -3.04
C GLU A 5 -2.79 -6.93 -2.04
N GLY A 6 -3.27 -6.37 -0.94
CA GLY A 6 -3.91 -7.13 0.12
C GLY A 6 -2.86 -7.83 0.99
N GLU A 7 -1.59 -7.58 0.72
CA GLU A 7 -0.53 -8.21 1.50
C GLU A 7 -0.10 -7.31 2.65
N VAL A 8 0.42 -7.93 3.71
CA VAL A 8 0.86 -7.18 4.87
C VAL A 8 1.99 -6.23 4.50
N CYS A 9 1.90 -5.00 4.98
CA CYS A 9 2.93 -4.01 4.70
C CYS A 9 3.22 -3.17 5.94
N SER A 10 4.31 -2.42 5.90
CA SER A 10 4.72 -1.58 7.02
C SER A 10 5.30 -2.42 8.16
N TRP A 11 4.84 -3.66 8.26
CA TRP A 11 5.32 -4.56 9.30
C TRP A 11 6.76 -4.97 9.00
N GLY A 12 7.55 -4.02 8.50
CA GLY A 12 8.94 -4.29 8.18
C GLY A 12 9.11 -4.60 6.69
N LYS A 13 7.99 -4.65 5.97
CA LYS A 13 8.00 -4.93 4.53
C LYS A 13 7.49 -3.72 3.76
N LYS A 14 7.92 -3.60 2.51
CA LYS A 14 7.50 -2.48 1.66
C LYS A 14 6.58 -2.98 0.55
N CYS A 15 5.56 -2.20 0.27
CA CYS A 15 4.60 -2.55 -0.75
C CYS A 15 5.24 -2.37 -2.13
N CYS A 16 5.14 -3.40 -2.96
CA CYS A 16 5.74 -3.35 -4.29
C CYS A 16 5.50 -1.98 -4.94
N ASP A 17 4.38 -1.36 -4.60
CA ASP A 17 4.06 -0.05 -5.15
C ASP A 17 3.50 0.87 -4.07
N LEU A 18 4.37 1.70 -3.50
CA LEU A 18 3.95 2.63 -2.46
C LEU A 18 3.36 3.90 -3.06
N ASP A 19 3.49 4.03 -4.38
CA ASP A 19 2.96 5.20 -5.07
C ASP A 19 1.56 4.93 -5.59
N ASN A 20 1.02 3.76 -5.26
CA ASN A 20 -0.32 3.40 -5.71
C ASN A 20 -1.08 2.70 -4.60
N PHE A 21 -0.36 2.11 -3.65
CA PHE A 21 -0.97 1.40 -2.55
C PHE A 21 -0.58 2.06 -1.22
N TYR A 22 -1.44 1.88 -0.22
CA TYR A 22 -1.18 2.47 1.08
C TYR A 22 -1.33 1.42 2.17
N CYS A 23 -0.76 1.71 3.33
CA CYS A 23 -0.84 0.80 4.46
C CYS A 23 -1.86 1.30 5.48
N PRO A 24 -3.01 0.65 5.61
CA PRO A 24 -4.07 1.05 6.59
C PRO A 24 -3.53 1.19 8.00
N MET A 25 -4.12 2.10 8.76
CA MET A 25 -3.71 2.35 10.13
C MET A 25 -4.31 1.30 11.08
N GLU A 26 -3.88 0.05 10.89
CA GLU A 26 -4.36 -1.04 11.72
C GLU A 26 -3.21 -1.90 12.20
N PHE A 27 -3.53 -2.92 12.99
CA PHE A 27 -2.53 -3.82 13.53
C PHE A 27 -1.75 -4.50 12.41
N ILE A 28 -2.49 -4.93 11.39
CA ILE A 28 -1.89 -5.60 10.23
C ILE A 28 -2.33 -4.93 8.93
N PRO A 29 -1.73 -3.82 8.60
CA PRO A 29 -2.06 -3.06 7.36
C PRO A 29 -1.93 -3.91 6.11
N HIS A 30 -2.85 -3.73 5.17
CA HIS A 30 -2.79 -4.48 3.92
C HIS A 30 -2.72 -3.54 2.72
N CYS A 31 -1.81 -3.84 1.80
CA CYS A 31 -1.64 -3.00 0.62
C CYS A 31 -2.97 -2.80 -0.09
N LYS A 32 -3.41 -1.55 -0.18
CA LYS A 32 -4.67 -1.23 -0.82
C LYS A 32 -4.49 -0.09 -1.82
N LYS A 33 -4.95 -0.32 -3.04
CA LYS A 33 -4.83 0.68 -4.09
C LYS A 33 -5.71 1.89 -3.82
N TYR A 34 -5.16 3.08 -4.03
CA TYR A 34 -5.89 4.31 -3.79
C TYR A 34 -5.32 5.45 -4.63
N LYS A 35 -5.77 6.66 -4.36
CA LYS A 35 -5.31 7.83 -5.09
C LYS A 35 -4.29 8.63 -4.25
N PRO A 36 -3.04 8.69 -4.63
CA PRO A 36 -2.00 9.44 -3.85
C PRO A 36 -2.13 10.96 -4.04
N TYR A 37 -1.70 11.71 -3.03
CA TYR A 37 -1.76 13.16 -3.10
C TYR A 37 -0.70 13.78 -2.21
N VAL A 38 -0.37 15.05 -2.46
CA VAL A 38 0.65 15.74 -1.67
C VAL A 38 -0.01 16.74 -0.71
N PRO A 39 0.57 16.95 0.45
CA PRO A 39 0.01 17.92 1.45
C PRO A 39 0.10 19.37 0.97
N VAL A 40 1.03 19.62 0.05
CA VAL A 40 1.20 20.96 -0.49
C VAL A 40 1.62 20.90 -1.96
N THR A 41 1.09 21.81 -2.77
CA THR A 41 1.41 21.85 -4.18
C THR A 41 2.84 22.32 -4.39
N THR A 42 3.35 23.11 -3.45
CA THR A 42 4.71 23.61 -3.53
C THR A 42 5.30 23.82 -2.14
N ASP A 1 11.43 -9.52 0.83
CA ASP A 1 10.74 -9.50 -0.50
C ASP A 1 9.89 -8.24 -0.60
N CYS A 2 8.65 -8.42 -1.03
CA CYS A 2 7.72 -7.30 -1.19
C CYS A 2 6.29 -7.74 -0.99
N ALA A 3 5.44 -6.80 -0.59
CA ALA A 3 4.03 -7.08 -0.37
C ALA A 3 3.17 -6.50 -1.48
N LYS A 4 2.54 -7.37 -2.25
CA LYS A 4 1.68 -6.94 -3.35
C LYS A 4 0.33 -6.47 -2.81
N GLU A 5 -0.67 -6.40 -3.68
CA GLU A 5 -2.00 -5.96 -3.27
C GLU A 5 -2.61 -6.91 -2.24
N GLY A 6 -3.14 -6.33 -1.17
CA GLY A 6 -3.77 -7.12 -0.12
C GLY A 6 -2.73 -7.87 0.72
N GLU A 7 -1.48 -7.44 0.61
CA GLU A 7 -0.40 -8.08 1.36
C GLU A 7 -0.01 -7.22 2.55
N VAL A 8 0.48 -7.87 3.59
CA VAL A 8 0.88 -7.17 4.80
C VAL A 8 1.95 -6.13 4.50
N CYS A 9 1.79 -4.94 5.08
CA CYS A 9 2.76 -3.87 4.86
C CYS A 9 3.09 -3.18 6.18
N SER A 10 4.15 -2.36 6.17
CA SER A 10 4.61 -1.64 7.36
C SER A 10 5.05 -2.62 8.46
N TRP A 11 4.52 -3.84 8.41
CA TRP A 11 4.88 -4.84 9.40
C TRP A 11 6.27 -5.40 9.10
N GLY A 12 7.17 -4.52 8.68
CA GLY A 12 8.54 -4.92 8.35
C GLY A 12 8.67 -5.24 6.86
N LYS A 13 7.62 -4.96 6.11
CA LYS A 13 7.63 -5.22 4.67
C LYS A 13 7.21 -3.95 3.90
N LYS A 14 7.77 -3.80 2.70
CA LYS A 14 7.44 -2.63 1.87
C LYS A 14 6.58 -3.06 0.70
N CYS A 15 5.55 -2.28 0.44
CA CYS A 15 4.64 -2.57 -0.65
C CYS A 15 5.33 -2.33 -1.99
N CYS A 16 5.05 -3.19 -2.96
CA CYS A 16 5.67 -3.08 -4.27
C CYS A 16 5.36 -1.73 -4.93
N ASP A 17 4.12 -1.29 -4.81
CA ASP A 17 3.71 -0.02 -5.40
C ASP A 17 3.14 0.90 -4.33
N LEU A 18 4.02 1.56 -3.57
CA LEU A 18 3.59 2.46 -2.50
C LEU A 18 2.96 3.72 -3.09
N ASP A 19 3.17 3.93 -4.40
CA ASP A 19 2.64 5.11 -5.07
C ASP A 19 1.14 4.96 -5.31
N ASN A 20 0.72 3.74 -5.65
CA ASN A 20 -0.69 3.48 -5.92
C ASN A 20 -1.35 2.77 -4.74
N PHE A 21 -0.55 2.09 -3.94
CA PHE A 21 -1.08 1.37 -2.78
C PHE A 21 -0.58 2.02 -1.50
N TYR A 22 -1.43 2.02 -0.50
CA TYR A 22 -1.08 2.61 0.78
C TYR A 22 -1.09 1.54 1.87
N CYS A 23 -0.43 1.85 2.98
CA CYS A 23 -0.36 0.91 4.09
C CYS A 23 -1.25 1.38 5.24
N PRO A 24 -2.39 0.75 5.46
CA PRO A 24 -3.31 1.14 6.57
C PRO A 24 -2.63 1.25 7.93
N MET A 25 -3.31 1.91 8.86
CA MET A 25 -2.78 2.09 10.21
C MET A 25 -3.54 1.22 11.21
N GLU A 26 -3.49 -0.10 11.02
CA GLU A 26 -4.18 -1.03 11.90
C GLU A 26 -3.21 -2.09 12.40
N PHE A 27 -3.74 -3.10 13.07
CA PHE A 27 -2.92 -4.18 13.61
C PHE A 27 -2.17 -4.90 12.49
N ILE A 28 -2.91 -5.23 11.42
CA ILE A 28 -2.33 -5.92 10.28
C ILE A 28 -2.70 -5.22 8.97
N PRO A 29 -2.08 -4.11 8.67
CA PRO A 29 -2.35 -3.33 7.43
C PRO A 29 -2.12 -4.13 6.17
N HIS A 30 -2.93 -3.88 5.15
CA HIS A 30 -2.75 -4.58 3.89
C HIS A 30 -2.73 -3.57 2.74
N CYS A 31 -1.82 -3.79 1.80
CA CYS A 31 -1.69 -2.89 0.65
C CYS A 31 -3.04 -2.71 -0.02
N LYS A 32 -3.42 -1.46 -0.23
CA LYS A 32 -4.71 -1.16 -0.85
C LYS A 32 -4.58 -0.03 -1.86
N LYS A 33 -5.08 -0.26 -3.07
CA LYS A 33 -5.02 0.76 -4.11
C LYS A 33 -5.94 1.93 -3.80
N TYR A 34 -5.42 3.15 -3.95
CA TYR A 34 -6.18 4.36 -3.67
C TYR A 34 -5.75 5.46 -4.62
N LYS A 35 -6.25 6.66 -4.36
CA LYS A 35 -5.94 7.81 -5.20
C LYS A 35 -4.75 8.59 -4.61
N PRO A 36 -3.61 8.65 -5.28
CA PRO A 36 -2.43 9.40 -4.76
C PRO A 36 -2.58 10.91 -4.91
N TYR A 37 -1.87 11.65 -4.08
CA TYR A 37 -1.92 13.11 -4.13
C TYR A 37 -0.59 13.72 -3.69
N VAL A 38 -0.25 14.86 -4.29
CA VAL A 38 0.99 15.55 -3.95
C VAL A 38 0.71 16.71 -2.99
N PRO A 39 -0.33 17.48 -3.22
CA PRO A 39 -0.66 18.64 -2.34
C PRO A 39 -1.42 18.22 -1.08
N VAL A 40 -1.38 19.08 -0.07
CA VAL A 40 -2.07 18.80 1.19
C VAL A 40 -3.56 18.63 0.96
N THR A 41 -4.13 19.53 0.17
CA THR A 41 -5.56 19.47 -0.13
C THR A 41 -6.38 19.59 1.15
N THR A 42 -6.22 20.71 1.84
CA THR A 42 -6.95 20.94 3.09
C THR A 42 -8.43 20.62 2.91
N ASP A 1 11.73 -10.20 -1.23
CA ASP A 1 10.31 -10.30 -0.78
C ASP A 1 9.68 -8.91 -0.84
N CYS A 2 8.40 -8.87 -1.21
CA CYS A 2 7.68 -7.61 -1.31
C CYS A 2 6.20 -7.79 -1.03
N ALA A 3 5.55 -6.72 -0.57
CA ALA A 3 4.13 -6.78 -0.27
C ALA A 3 3.31 -6.46 -1.51
N LYS A 4 2.52 -7.44 -1.96
CA LYS A 4 1.68 -7.27 -3.13
C LYS A 4 0.31 -6.73 -2.73
N GLU A 5 -0.56 -6.53 -3.70
CA GLU A 5 -1.90 -6.01 -3.43
C GLU A 5 -2.61 -6.84 -2.36
N GLY A 6 -3.10 -6.16 -1.32
CA GLY A 6 -3.80 -6.82 -0.24
C GLY A 6 -2.85 -7.63 0.62
N GLU A 7 -1.55 -7.38 0.45
CA GLU A 7 -0.54 -8.10 1.22
C GLU A 7 -0.10 -7.26 2.41
N VAL A 8 0.13 -7.91 3.54
CA VAL A 8 0.53 -7.20 4.74
C VAL A 8 1.76 -6.34 4.47
N CYS A 9 1.73 -5.09 4.95
CA CYS A 9 2.86 -4.18 4.74
C CYS A 9 3.17 -3.41 6.01
N SER A 10 4.29 -2.71 6.00
CA SER A 10 4.72 -1.93 7.16
C SER A 10 5.39 -2.81 8.19
N TRP A 11 5.04 -4.09 8.20
CA TRP A 11 5.63 -5.03 9.13
C TRP A 11 7.08 -5.30 8.76
N GLY A 12 7.78 -4.25 8.33
CA GLY A 12 9.17 -4.38 7.94
C GLY A 12 9.30 -4.65 6.45
N LYS A 13 8.16 -4.73 5.77
CA LYS A 13 8.15 -4.98 4.33
C LYS A 13 7.56 -3.78 3.58
N LYS A 14 8.04 -3.56 2.36
CA LYS A 14 7.56 -2.44 1.55
C LYS A 14 6.68 -2.95 0.42
N CYS A 15 5.55 -2.28 0.23
CA CYS A 15 4.61 -2.68 -0.81
C CYS A 15 5.24 -2.47 -2.18
N CYS A 16 5.05 -3.45 -3.05
CA CYS A 16 5.62 -3.37 -4.39
C CYS A 16 5.29 -2.04 -5.03
N ASP A 17 4.38 -1.29 -4.42
CA ASP A 17 3.99 0.01 -4.94
C ASP A 17 3.34 0.86 -3.85
N LEU A 18 4.16 1.58 -3.10
CA LEU A 18 3.65 2.43 -2.03
C LEU A 18 2.87 3.61 -2.60
N ASP A 19 3.12 3.93 -3.86
CA ASP A 19 2.44 5.04 -4.52
C ASP A 19 1.00 4.67 -4.87
N ASN A 20 0.82 3.53 -5.51
CA ASN A 20 -0.52 3.09 -5.90
C ASN A 20 -1.23 2.43 -4.72
N PHE A 21 -0.45 1.89 -3.78
CA PHE A 21 -1.03 1.24 -2.62
C PHE A 21 -0.59 1.93 -1.34
N TYR A 22 -1.37 1.77 -0.28
CA TYR A 22 -1.05 2.40 0.99
C TYR A 22 -1.17 1.39 2.12
N CYS A 23 -0.56 1.70 3.26
CA CYS A 23 -0.61 0.82 4.42
C CYS A 23 -1.61 1.34 5.47
N PRO A 24 -2.74 0.69 5.63
CA PRO A 24 -3.77 1.10 6.63
C PRO A 24 -3.19 1.31 8.03
N MET A 25 -3.89 2.10 8.83
CA MET A 25 -3.45 2.39 10.20
C MET A 25 -3.92 1.32 11.18
N GLU A 26 -3.84 0.06 10.77
CA GLU A 26 -4.28 -1.05 11.61
C GLU A 26 -3.07 -1.87 12.04
N PHE A 27 -3.31 -2.84 12.90
CA PHE A 27 -2.25 -3.70 13.40
C PHE A 27 -1.72 -4.61 12.29
N ILE A 28 -2.47 -4.69 11.19
CA ILE A 28 -2.08 -5.52 10.06
C ILE A 28 -2.38 -4.80 8.74
N PRO A 29 -1.67 -3.74 8.46
CA PRO A 29 -1.89 -2.94 7.22
C PRO A 29 -1.69 -3.77 5.97
N HIS A 30 -2.58 -3.61 4.99
CA HIS A 30 -2.47 -4.34 3.74
C HIS A 30 -2.43 -3.37 2.57
N CYS A 31 -1.79 -3.79 1.49
CA CYS A 31 -1.68 -2.93 0.31
C CYS A 31 -3.05 -2.71 -0.32
N LYS A 32 -3.54 -1.47 -0.27
CA LYS A 32 -4.85 -1.13 -0.85
C LYS A 32 -4.72 -0.01 -1.88
N LYS A 33 -5.39 -0.18 -3.02
CA LYS A 33 -5.35 0.83 -4.08
C LYS A 33 -6.08 2.11 -3.67
N TYR A 34 -5.46 3.24 -4.02
CA TYR A 34 -6.02 4.54 -3.72
C TYR A 34 -5.43 5.62 -4.62
N LYS A 35 -5.96 6.83 -4.49
CA LYS A 35 -5.50 7.96 -5.30
C LYS A 35 -4.78 8.99 -4.42
N PRO A 36 -3.46 9.00 -4.39
CA PRO A 36 -2.70 9.97 -3.55
C PRO A 36 -2.66 11.36 -4.17
N TYR A 37 -2.55 12.38 -3.34
CA TYR A 37 -2.50 13.76 -3.80
C TYR A 37 -1.54 14.57 -2.94
N VAL A 38 -0.73 13.90 -2.14
CA VAL A 38 0.22 14.58 -1.28
C VAL A 38 1.31 15.27 -2.10
N PRO A 39 1.82 16.39 -1.63
CA PRO A 39 2.90 17.14 -2.36
C PRO A 39 4.23 16.40 -2.34
N VAL A 40 5.11 16.74 -3.29
CA VAL A 40 6.42 16.10 -3.38
C VAL A 40 7.53 17.15 -3.43
N THR A 41 8.59 16.91 -2.69
CA THR A 41 9.72 17.83 -2.67
C THR A 41 10.65 17.59 -3.86
N THR A 42 10.71 16.33 -4.29
CA THR A 42 11.56 15.98 -5.42
C THR A 42 11.01 16.56 -6.73
N ASP A 1 11.81 -8.42 -4.13
CA ASP A 1 10.62 -8.98 -3.43
C ASP A 1 9.86 -7.83 -2.76
N CYS A 2 8.53 -7.93 -2.79
CA CYS A 2 7.68 -6.90 -2.19
C CYS A 2 6.30 -7.45 -1.88
N ALA A 3 5.55 -6.73 -1.05
CA ALA A 3 4.21 -7.15 -0.69
C ALA A 3 3.20 -6.69 -1.75
N LYS A 4 2.44 -7.64 -2.29
CA LYS A 4 1.44 -7.33 -3.31
C LYS A 4 0.17 -6.80 -2.66
N GLU A 5 -0.87 -6.60 -3.46
CA GLU A 5 -2.15 -6.10 -2.95
C GLU A 5 -2.75 -7.07 -1.94
N GLY A 6 -3.28 -6.51 -0.86
CA GLY A 6 -3.90 -7.32 0.18
C GLY A 6 -2.85 -7.98 1.07
N GLU A 7 -1.58 -7.63 0.85
CA GLU A 7 -0.51 -8.21 1.64
C GLU A 7 -0.06 -7.25 2.74
N VAL A 8 0.43 -7.80 3.83
CA VAL A 8 0.87 -6.98 4.95
C VAL A 8 2.04 -6.09 4.54
N CYS A 9 1.98 -4.84 4.98
CA CYS A 9 3.04 -3.88 4.65
C CYS A 9 3.31 -2.96 5.83
N SER A 10 4.45 -2.27 5.78
CA SER A 10 4.83 -1.35 6.85
C SER A 10 5.35 -2.11 8.05
N TRP A 11 4.79 -3.29 8.29
CA TRP A 11 5.22 -4.11 9.41
C TRP A 11 6.66 -4.61 9.19
N GLY A 12 7.44 -3.83 8.46
CA GLY A 12 8.83 -4.19 8.17
C GLY A 12 8.99 -4.64 6.73
N LYS A 13 7.92 -4.48 5.94
CA LYS A 13 7.95 -4.87 4.54
C LYS A 13 7.53 -3.69 3.66
N LYS A 14 8.06 -3.65 2.44
CA LYS A 14 7.73 -2.59 1.51
C LYS A 14 6.78 -3.09 0.44
N CYS A 15 5.72 -2.32 0.22
CA CYS A 15 4.73 -2.69 -0.78
C CYS A 15 5.33 -2.58 -2.18
N CYS A 16 4.82 -3.40 -3.09
CA CYS A 16 5.31 -3.41 -4.46
C CYS A 16 5.13 -2.04 -5.10
N ASP A 17 4.17 -1.27 -4.59
CA ASP A 17 3.91 0.06 -5.12
C ASP A 17 3.32 0.96 -4.05
N LEU A 18 4.17 1.56 -3.24
CA LEU A 18 3.73 2.46 -2.18
C LEU A 18 3.07 3.70 -2.76
N ASP A 19 3.37 3.99 -4.02
CA ASP A 19 2.80 5.17 -4.68
C ASP A 19 1.34 4.93 -5.03
N ASN A 20 1.02 3.71 -5.43
CA ASN A 20 -0.35 3.37 -5.79
C ASN A 20 -1.06 2.69 -4.64
N PHE A 21 -0.30 2.04 -3.78
CA PHE A 21 -0.86 1.34 -2.63
C PHE A 21 -0.43 2.02 -1.34
N TYR A 22 -1.23 1.81 -0.28
CA TYR A 22 -0.92 2.41 1.00
C TYR A 22 -1.08 1.39 2.11
N CYS A 23 -0.51 1.69 3.28
CA CYS A 23 -0.59 0.81 4.42
C CYS A 23 -1.60 1.34 5.45
N PRO A 24 -2.75 0.73 5.57
CA PRO A 24 -3.81 1.16 6.55
C PRO A 24 -3.27 1.28 7.97
N MET A 25 -3.87 2.18 8.74
CA MET A 25 -3.44 2.38 10.13
C MET A 25 -4.22 1.46 11.06
N GLU A 26 -3.93 0.17 10.98
CA GLU A 26 -4.60 -0.81 11.82
C GLU A 26 -3.61 -1.84 12.34
N PHE A 27 -4.12 -2.82 13.07
CA PHE A 27 -3.28 -3.87 13.65
C PHE A 27 -2.53 -4.61 12.54
N ILE A 28 -3.25 -4.99 11.49
CA ILE A 28 -2.65 -5.71 10.37
C ILE A 28 -2.96 -5.02 9.05
N PRO A 29 -2.23 -3.98 8.74
CA PRO A 29 -2.42 -3.20 7.46
C PRO A 29 -2.26 -4.06 6.23
N HIS A 30 -2.93 -3.69 5.15
CA HIS A 30 -2.81 -4.43 3.91
C HIS A 30 -2.67 -3.48 2.72
N CYS A 31 -1.80 -3.83 1.78
CA CYS A 31 -1.59 -3.00 0.60
C CYS A 31 -2.91 -2.80 -0.14
N LYS A 32 -3.33 -1.55 -0.25
CA LYS A 32 -4.58 -1.24 -0.94
C LYS A 32 -4.39 -0.09 -1.93
N LYS A 33 -4.81 -0.31 -3.17
CA LYS A 33 -4.69 0.71 -4.20
C LYS A 33 -5.60 1.90 -3.91
N TYR A 34 -5.05 3.11 -4.06
CA TYR A 34 -5.80 4.32 -3.81
C TYR A 34 -5.37 5.42 -4.78
N LYS A 35 -5.89 6.63 -4.55
CA LYS A 35 -5.56 7.75 -5.41
C LYS A 35 -4.46 8.61 -4.77
N PRO A 36 -3.26 8.62 -5.31
CA PRO A 36 -2.14 9.43 -4.76
C PRO A 36 -2.26 10.91 -5.09
N TYR A 37 -3.32 11.26 -5.81
CA TYR A 37 -3.56 12.66 -6.21
C TYR A 37 -2.44 13.13 -7.13
N VAL A 38 -2.66 14.27 -7.78
CA VAL A 38 -1.68 14.82 -8.71
C VAL A 38 -1.40 16.29 -8.37
N PRO A 39 -0.78 16.54 -7.25
CA PRO A 39 -0.46 17.93 -6.80
C PRO A 39 0.66 18.56 -7.63
N VAL A 40 0.65 19.88 -7.73
CA VAL A 40 1.66 20.59 -8.49
C VAL A 40 3.03 20.44 -7.83
N THR A 41 3.03 20.04 -6.56
CA THR A 41 4.27 19.86 -5.82
C THR A 41 4.96 18.57 -6.26
N THR A 42 6.25 18.46 -5.94
CA THR A 42 7.03 17.27 -6.31
C THR A 42 7.29 16.41 -5.07
N ASP A 1 9.49 -10.62 -3.09
CA ASP A 1 10.49 -9.69 -2.47
C ASP A 1 9.79 -8.40 -2.07
N CYS A 2 8.46 -8.37 -2.22
CA CYS A 2 7.69 -7.18 -1.85
C CYS A 2 6.25 -7.57 -1.52
N ALA A 3 5.52 -6.64 -0.91
CA ALA A 3 4.14 -6.89 -0.53
C ALA A 3 3.21 -6.62 -1.72
N LYS A 4 2.32 -7.57 -2.00
CA LYS A 4 1.38 -7.42 -3.09
C LYS A 4 0.05 -6.85 -2.60
N GLU A 5 -0.82 -6.49 -3.53
CA GLU A 5 -2.11 -5.93 -3.16
C GLU A 5 -2.82 -6.82 -2.15
N GLY A 6 -3.24 -6.23 -1.03
CA GLY A 6 -3.94 -6.98 0.01
C GLY A 6 -2.95 -7.75 0.88
N GLU A 7 -1.66 -7.56 0.60
CA GLU A 7 -0.63 -8.26 1.36
C GLU A 7 -0.17 -7.40 2.53
N VAL A 8 0.27 -8.05 3.60
CA VAL A 8 0.73 -7.33 4.79
C VAL A 8 1.88 -6.40 4.44
N CYS A 9 1.81 -5.17 4.93
CA CYS A 9 2.86 -4.19 4.65
C CYS A 9 3.18 -3.39 5.91
N SER A 10 4.28 -2.65 5.87
CA SER A 10 4.69 -1.84 7.01
C SER A 10 5.21 -2.73 8.14
N TRP A 11 4.68 -3.94 8.22
CA TRP A 11 5.11 -4.88 9.26
C TRP A 11 6.53 -5.36 8.99
N GLY A 12 7.38 -4.43 8.58
CA GLY A 12 8.78 -4.77 8.28
C GLY A 12 8.96 -5.03 6.78
N LYS A 13 7.90 -4.79 6.01
CA LYS A 13 7.97 -5.00 4.57
C LYS A 13 7.40 -3.79 3.84
N LYS A 14 7.92 -3.53 2.63
CA LYS A 14 7.45 -2.41 1.84
C LYS A 14 6.56 -2.89 0.70
N CYS A 15 5.52 -2.11 0.41
CA CYS A 15 4.59 -2.47 -0.65
C CYS A 15 5.25 -2.30 -2.02
N CYS A 16 5.21 -3.35 -2.83
CA CYS A 16 5.81 -3.31 -4.16
C CYS A 16 5.56 -1.96 -4.82
N ASP A 17 4.39 -1.41 -4.59
CA ASP A 17 4.03 -0.11 -5.15
C ASP A 17 3.45 0.81 -4.09
N LEU A 18 4.27 1.72 -3.57
CA LEU A 18 3.82 2.65 -2.55
C LEU A 18 3.25 3.91 -3.18
N ASP A 19 3.36 4.01 -4.51
CA ASP A 19 2.86 5.18 -5.21
C ASP A 19 1.43 4.93 -5.69
N ASN A 20 0.90 3.76 -5.38
CA ASN A 20 -0.46 3.40 -5.78
C ASN A 20 -1.20 2.71 -4.65
N PHE A 21 -0.44 2.13 -3.72
CA PHE A 21 -1.03 1.43 -2.59
C PHE A 21 -0.61 2.09 -1.28
N TYR A 22 -1.41 1.87 -0.23
CA TYR A 22 -1.12 2.46 1.06
C TYR A 22 -1.28 1.41 2.16
N CYS A 23 -0.69 1.69 3.33
CA CYS A 23 -0.76 0.77 4.45
C CYS A 23 -1.75 1.28 5.50
N PRO A 24 -2.88 0.63 5.65
CA PRO A 24 -3.91 1.03 6.64
C PRO A 24 -3.33 1.18 8.04
N MET A 25 -3.88 2.12 8.80
CA MET A 25 -3.40 2.38 10.16
C MET A 25 -3.95 1.34 11.12
N GLU A 26 -3.51 0.09 10.96
CA GLU A 26 -3.96 -0.99 11.82
C GLU A 26 -2.78 -1.88 12.21
N PHE A 27 -3.04 -2.83 13.09
CA PHE A 27 -2.01 -3.75 13.55
C PHE A 27 -1.62 -4.72 12.44
N ILE A 28 -2.41 -4.73 11.37
CA ILE A 28 -2.14 -5.60 10.23
C ILE A 28 -2.49 -4.90 8.92
N PRO A 29 -1.74 -3.90 8.57
CA PRO A 29 -1.98 -3.12 7.32
C PRO A 29 -1.86 -3.98 6.07
N HIS A 30 -2.75 -3.76 5.11
CA HIS A 30 -2.72 -4.51 3.85
C HIS A 30 -2.66 -3.55 2.66
N CYS A 31 -1.77 -3.85 1.73
CA CYS A 31 -1.62 -3.01 0.55
C CYS A 31 -2.96 -2.80 -0.14
N LYS A 32 -3.42 -1.55 -0.17
CA LYS A 32 -4.68 -1.22 -0.78
C LYS A 32 -4.51 -0.11 -1.81
N LYS A 33 -4.96 -0.36 -3.04
CA LYS A 33 -4.86 0.62 -4.10
C LYS A 33 -5.75 1.84 -3.82
N TYR A 34 -5.20 3.02 -4.01
CA TYR A 34 -5.95 4.26 -3.78
C TYR A 34 -5.44 5.38 -4.67
N LYS A 35 -6.05 6.55 -4.55
CA LYS A 35 -5.68 7.69 -5.36
C LYS A 35 -5.03 8.78 -4.51
N PRO A 36 -3.73 8.95 -4.60
CA PRO A 36 -2.99 9.98 -3.81
C PRO A 36 -3.20 11.39 -4.35
N TYR A 37 -3.07 12.37 -3.47
CA TYR A 37 -3.24 13.76 -3.87
C TYR A 37 -2.11 14.62 -3.34
N VAL A 38 -2.05 15.87 -3.79
CA VAL A 38 -1.00 16.78 -3.35
C VAL A 38 -1.59 18.14 -2.98
N PRO A 39 -2.25 18.21 -1.86
CA PRO A 39 -2.89 19.46 -1.36
C PRO A 39 -1.88 20.58 -1.16
N VAL A 40 -2.31 21.82 -1.36
CA VAL A 40 -1.43 22.97 -1.21
C VAL A 40 -1.82 23.78 0.03
N THR A 41 -0.87 23.94 0.95
CA THR A 41 -1.13 24.70 2.17
C THR A 41 0.19 25.21 2.76
N THR A 42 0.08 26.21 3.63
CA THR A 42 1.26 26.79 4.26
C THR A 42 1.91 25.77 5.20
N ASP A 1 8.99 -9.95 -4.72
CA ASP A 1 10.03 -9.46 -3.77
C ASP A 1 9.48 -8.27 -2.99
N CYS A 2 8.16 -8.19 -2.90
CA CYS A 2 7.50 -7.11 -2.18
C CYS A 2 6.07 -7.49 -1.80
N ALA A 3 5.47 -6.70 -0.92
CA ALA A 3 4.11 -6.97 -0.48
C ALA A 3 3.11 -6.56 -1.57
N LYS A 4 2.55 -7.56 -2.23
CA LYS A 4 1.57 -7.33 -3.29
C LYS A 4 0.26 -6.81 -2.70
N GLU A 5 -0.72 -6.56 -3.57
CA GLU A 5 -2.01 -6.06 -3.11
C GLU A 5 -2.62 -7.01 -2.07
N GLY A 6 -3.00 -6.44 -0.94
CA GLY A 6 -3.61 -7.22 0.14
C GLY A 6 -2.55 -7.77 1.09
N GLU A 7 -1.27 -7.59 0.74
CA GLU A 7 -0.18 -8.08 1.57
C GLU A 7 0.14 -7.10 2.68
N VAL A 8 0.64 -7.61 3.80
CA VAL A 8 0.99 -6.77 4.92
C VAL A 8 2.25 -5.97 4.64
N CYS A 9 2.21 -4.67 4.95
CA CYS A 9 3.36 -3.81 4.71
C CYS A 9 3.61 -2.90 5.92
N SER A 10 4.73 -2.19 5.89
CA SER A 10 5.08 -1.29 6.99
C SER A 10 5.56 -2.07 8.20
N TRP A 11 4.99 -3.25 8.41
CA TRP A 11 5.39 -4.09 9.52
C TRP A 11 6.79 -4.65 9.31
N GLY A 12 7.55 -3.98 8.45
CA GLY A 12 8.91 -4.40 8.16
C GLY A 12 9.07 -4.75 6.69
N LYS A 13 7.98 -4.61 5.94
CA LYS A 13 8.00 -4.91 4.51
C LYS A 13 7.43 -3.75 3.71
N LYS A 14 7.93 -3.55 2.49
CA LYS A 14 7.46 -2.48 1.63
C LYS A 14 6.60 -3.04 0.51
N CYS A 15 5.49 -2.37 0.27
CA CYS A 15 4.56 -2.80 -0.77
C CYS A 15 5.23 -2.68 -2.13
N CYS A 16 4.76 -3.46 -3.09
CA CYS A 16 5.33 -3.45 -4.43
C CYS A 16 5.21 -2.07 -5.05
N ASP A 17 4.08 -1.42 -4.83
CA ASP A 17 3.85 -0.08 -5.36
C ASP A 17 3.29 0.84 -4.28
N LEU A 18 4.18 1.41 -3.47
CA LEU A 18 3.77 2.32 -2.40
C LEU A 18 3.19 3.61 -2.98
N ASP A 19 3.44 3.84 -4.25
CA ASP A 19 2.94 5.04 -4.92
C ASP A 19 1.46 4.89 -5.26
N ASN A 20 1.03 3.67 -5.55
CA ASN A 20 -0.36 3.41 -5.89
C ASN A 20 -1.07 2.67 -4.75
N PHE A 21 -0.29 2.17 -3.80
CA PHE A 21 -0.84 1.44 -2.66
C PHE A 21 -0.38 2.05 -1.34
N TYR A 22 -1.14 1.79 -0.29
CA TYR A 22 -0.81 2.32 1.03
C TYR A 22 -1.05 1.29 2.12
N CYS A 23 -0.50 1.55 3.29
CA CYS A 23 -0.67 0.63 4.41
C CYS A 23 -1.74 1.17 5.38
N PRO A 24 -2.90 0.55 5.46
CA PRO A 24 -4.01 1.00 6.36
C PRO A 24 -3.55 1.16 7.81
N MET A 25 -4.16 2.11 8.50
CA MET A 25 -3.81 2.36 9.89
C MET A 25 -4.59 1.42 10.82
N GLU A 26 -4.27 0.14 10.76
CA GLU A 26 -4.94 -0.85 11.58
C GLU A 26 -3.91 -1.81 12.18
N PHE A 27 -4.40 -2.77 12.95
CA PHE A 27 -3.53 -3.76 13.59
C PHE A 27 -2.74 -4.53 12.55
N ILE A 28 -3.42 -4.95 11.48
CA ILE A 28 -2.78 -5.70 10.40
C ILE A 28 -3.03 -5.04 9.06
N PRO A 29 -2.30 -4.00 8.74
CA PRO A 29 -2.44 -3.26 7.45
C PRO A 29 -2.22 -4.16 6.24
N HIS A 30 -2.89 -3.84 5.15
CA HIS A 30 -2.70 -4.61 3.91
C HIS A 30 -2.63 -3.67 2.72
N CYS A 31 -1.70 -3.95 1.80
CA CYS A 31 -1.55 -3.11 0.61
C CYS A 31 -2.91 -2.78 0.03
N LYS A 32 -3.22 -1.49 -0.03
CA LYS A 32 -4.51 -1.06 -0.55
C LYS A 32 -4.34 0.14 -1.48
N LYS A 33 -5.05 0.11 -2.60
CA LYS A 33 -4.98 1.20 -3.56
C LYS A 33 -5.66 2.46 -3.02
N TYR A 34 -4.98 3.60 -3.19
CA TYR A 34 -5.53 4.86 -2.71
C TYR A 34 -6.98 5.04 -3.14
N LYS A 35 -7.17 5.71 -4.27
CA LYS A 35 -8.51 5.97 -4.80
C LYS A 35 -8.63 5.48 -6.24
N PRO A 36 -8.84 4.21 -6.44
CA PRO A 36 -8.98 3.62 -7.80
C PRO A 36 -10.35 3.89 -8.41
N TYR A 37 -10.38 4.17 -9.72
CA TYR A 37 -11.63 4.42 -10.41
C TYR A 37 -12.30 5.66 -9.85
N VAL A 38 -11.55 6.75 -9.73
CA VAL A 38 -12.10 7.99 -9.18
C VAL A 38 -13.11 8.61 -10.16
N PRO A 39 -14.09 9.35 -9.67
CA PRO A 39 -15.11 10.00 -10.54
C PRO A 39 -14.48 10.76 -11.70
N VAL A 40 -15.10 10.66 -12.88
CA VAL A 40 -14.60 11.35 -14.06
C VAL A 40 -13.10 11.11 -14.23
N THR A 41 -12.75 10.01 -14.88
CA THR A 41 -11.35 9.67 -15.10
C THR A 41 -10.64 10.79 -15.86
N THR A 42 -9.37 10.99 -15.54
CA THR A 42 -8.58 12.03 -16.20
C THR A 42 -8.40 11.71 -17.68
N ASP A 1 12.14 -8.11 -2.72
CA ASP A 1 10.82 -8.64 -2.28
C ASP A 1 9.91 -7.47 -1.87
N CYS A 2 8.61 -7.65 -2.06
CA CYS A 2 7.65 -6.61 -1.71
C CYS A 2 6.27 -7.20 -1.46
N ALA A 3 5.40 -6.42 -0.86
CA ALA A 3 4.04 -6.88 -0.58
C ALA A 3 3.07 -6.37 -1.64
N LYS A 4 2.23 -7.28 -2.13
CA LYS A 4 1.24 -6.93 -3.16
C LYS A 4 -0.10 -6.60 -2.53
N GLU A 5 -1.14 -6.51 -3.35
CA GLU A 5 -2.47 -6.20 -2.85
C GLU A 5 -2.95 -7.25 -1.86
N GLY A 6 -3.36 -6.80 -0.68
CA GLY A 6 -3.85 -7.72 0.35
C GLY A 6 -2.70 -8.26 1.20
N GLU A 7 -1.47 -7.95 0.81
CA GLU A 7 -0.30 -8.42 1.55
C GLU A 7 0.04 -7.46 2.68
N VAL A 8 0.54 -8.00 3.78
CA VAL A 8 0.90 -7.19 4.94
C VAL A 8 1.98 -6.17 4.60
N CYS A 9 1.86 -4.97 5.16
CA CYS A 9 2.83 -3.92 4.91
C CYS A 9 3.19 -3.19 6.20
N SER A 10 4.27 -2.42 6.17
CA SER A 10 4.76 -1.69 7.35
C SER A 10 5.18 -2.67 8.46
N TRP A 11 4.56 -3.84 8.50
CA TRP A 11 4.88 -4.83 9.50
C TRP A 11 6.21 -5.49 9.15
N GLY A 12 7.19 -4.66 8.80
CA GLY A 12 8.52 -5.17 8.45
C GLY A 12 8.62 -5.40 6.95
N LYS A 13 7.54 -5.13 6.23
CA LYS A 13 7.53 -5.31 4.78
C LYS A 13 7.07 -4.03 4.09
N LYS A 14 7.62 -3.76 2.91
CA LYS A 14 7.27 -2.58 2.15
C LYS A 14 6.47 -2.96 0.92
N CYS A 15 5.45 -2.18 0.66
CA CYS A 15 4.60 -2.40 -0.48
C CYS A 15 5.36 -2.19 -1.78
N CYS A 16 5.00 -2.97 -2.80
CA CYS A 16 5.66 -2.87 -4.09
C CYS A 16 5.33 -1.55 -4.77
N ASP A 17 4.05 -1.34 -5.04
CA ASP A 17 3.60 -0.11 -5.69
C ASP A 17 3.13 0.90 -4.65
N LEU A 18 4.07 1.41 -3.86
CA LEU A 18 3.74 2.39 -2.84
C LEU A 18 3.16 3.66 -3.46
N ASP A 19 3.38 3.81 -4.77
CA ASP A 19 2.88 4.99 -5.47
C ASP A 19 1.37 4.89 -5.69
N ASN A 20 0.88 3.69 -5.99
CA ASN A 20 -0.55 3.49 -6.21
C ASN A 20 -1.18 2.76 -5.04
N PHE A 21 -0.35 2.30 -4.11
CA PHE A 21 -0.83 1.59 -2.93
C PHE A 21 -0.26 2.22 -1.66
N TYR A 22 -1.00 2.04 -0.56
CA TYR A 22 -0.58 2.59 0.72
C TYR A 22 -0.67 1.52 1.80
N CYS A 23 -0.10 1.81 2.97
CA CYS A 23 -0.14 0.85 4.06
C CYS A 23 -1.18 1.30 5.09
N PRO A 24 -2.32 0.63 5.19
CA PRO A 24 -3.38 1.02 6.15
C PRO A 24 -2.91 1.04 7.60
N MET A 25 -3.86 1.22 8.50
CA MET A 25 -3.55 1.24 9.93
C MET A 25 -4.64 0.52 10.73
N GLU A 26 -4.43 -0.77 11.00
CA GLU A 26 -5.41 -1.54 11.76
C GLU A 26 -4.77 -2.84 12.29
N PHE A 27 -3.69 -2.69 13.05
CA PHE A 27 -2.98 -3.83 13.62
C PHE A 27 -2.31 -4.66 12.53
N ILE A 28 -3.02 -4.92 11.45
CA ILE A 28 -2.49 -5.71 10.35
C ILE A 28 -2.79 -5.05 9.00
N PRO A 29 -2.11 -3.97 8.70
CA PRO A 29 -2.31 -3.24 7.40
C PRO A 29 -2.04 -4.10 6.20
N HIS A 30 -2.80 -3.89 5.13
CA HIS A 30 -2.59 -4.62 3.90
C HIS A 30 -2.56 -3.66 2.73
N CYS A 31 -1.57 -3.84 1.84
CA CYS A 31 -1.44 -2.96 0.69
C CYS A 31 -2.81 -2.65 0.12
N LYS A 32 -3.11 -1.36 -0.02
CA LYS A 32 -4.41 -0.94 -0.54
C LYS A 32 -4.26 0.22 -1.51
N LYS A 33 -5.08 0.22 -2.56
CA LYS A 33 -5.03 1.30 -3.53
C LYS A 33 -5.65 2.56 -2.95
N TYR A 34 -5.05 3.70 -3.26
CA TYR A 34 -5.55 4.99 -2.78
C TYR A 34 -7.02 5.19 -3.16
N LYS A 35 -7.28 6.21 -3.96
CA LYS A 35 -8.65 6.50 -4.40
C LYS A 35 -8.67 6.90 -5.86
N PRO A 36 -8.20 6.04 -6.73
CA PRO A 36 -8.18 6.31 -8.20
C PRO A 36 -9.57 6.26 -8.81
N TYR A 37 -9.80 7.09 -9.83
CA TYR A 37 -11.10 7.15 -10.49
C TYR A 37 -10.98 6.64 -11.94
N VAL A 38 -9.77 6.27 -12.33
CA VAL A 38 -9.54 5.78 -13.68
C VAL A 38 -8.74 4.48 -13.64
N PRO A 39 -9.30 3.44 -13.06
CA PRO A 39 -8.61 2.12 -12.96
C PRO A 39 -8.56 1.38 -14.30
N VAL A 40 -7.55 0.56 -14.48
CA VAL A 40 -7.40 -0.19 -15.72
C VAL A 40 -6.88 -1.61 -15.44
N THR A 41 -7.42 -2.59 -16.16
CA THR A 41 -7.00 -3.98 -15.98
C THR A 41 -5.94 -4.35 -17.00
N THR A 42 -5.66 -3.44 -17.92
CA THR A 42 -4.65 -3.69 -18.96
C THR A 42 -4.81 -5.09 -19.52
N ASP A 1 9.35 -9.93 -4.46
CA ASP A 1 10.39 -9.18 -3.69
C ASP A 1 9.74 -8.03 -2.93
N CYS A 2 8.41 -8.01 -2.95
CA CYS A 2 7.65 -6.97 -2.26
C CYS A 2 6.24 -7.43 -1.94
N ALA A 3 5.58 -6.72 -1.03
CA ALA A 3 4.23 -7.06 -0.65
C ALA A 3 3.24 -6.65 -1.74
N LYS A 4 2.44 -7.60 -2.19
CA LYS A 4 1.45 -7.34 -3.24
C LYS A 4 0.16 -6.83 -2.63
N GLU A 5 -0.82 -6.50 -3.46
CA GLU A 5 -2.09 -6.01 -2.97
C GLU A 5 -2.71 -6.98 -1.96
N GLY A 6 -3.15 -6.44 -0.83
CA GLY A 6 -3.77 -7.25 0.21
C GLY A 6 -2.71 -7.92 1.09
N GLU A 7 -1.44 -7.65 0.80
CA GLU A 7 -0.36 -8.24 1.57
C GLU A 7 0.08 -7.28 2.67
N VAL A 8 0.48 -7.85 3.80
CA VAL A 8 0.92 -7.03 4.93
C VAL A 8 2.02 -6.07 4.50
N CYS A 9 1.97 -4.84 5.02
CA CYS A 9 2.98 -3.84 4.68
C CYS A 9 3.38 -3.08 5.93
N SER A 10 4.46 -2.30 5.82
CA SER A 10 4.98 -1.52 6.95
C SER A 10 5.43 -2.42 8.10
N TRP A 11 4.84 -3.62 8.17
CA TRP A 11 5.21 -4.57 9.22
C TRP A 11 6.54 -5.22 8.90
N GLY A 12 7.48 -4.41 8.40
CA GLY A 12 8.79 -4.92 8.05
C GLY A 12 8.85 -5.34 6.58
N LYS A 13 7.81 -4.99 5.84
CA LYS A 13 7.75 -5.33 4.42
C LYS A 13 7.30 -4.13 3.59
N LYS A 14 7.99 -3.87 2.49
CA LYS A 14 7.66 -2.76 1.62
C LYS A 14 6.71 -3.22 0.52
N CYS A 15 5.69 -2.42 0.26
CA CYS A 15 4.72 -2.73 -0.76
C CYS A 15 5.33 -2.60 -2.15
N CYS A 16 4.83 -3.39 -3.08
CA CYS A 16 5.34 -3.38 -4.45
C CYS A 16 5.17 -2.00 -5.08
N ASP A 17 4.02 -1.38 -4.81
CA ASP A 17 3.75 -0.05 -5.35
C ASP A 17 3.25 0.88 -4.25
N LEU A 18 4.18 1.45 -3.49
CA LEU A 18 3.82 2.37 -2.41
C LEU A 18 3.17 3.63 -2.96
N ASP A 19 3.42 3.91 -4.22
CA ASP A 19 2.86 5.10 -4.86
C ASP A 19 1.37 4.91 -5.16
N ASN A 20 1.00 3.69 -5.52
CA ASN A 20 -0.40 3.40 -5.84
C ASN A 20 -1.08 2.65 -4.70
N PHE A 21 -0.28 2.26 -3.69
CA PHE A 21 -0.81 1.55 -2.54
C PHE A 21 -0.30 2.16 -1.23
N TYR A 22 -1.07 1.97 -0.17
CA TYR A 22 -0.72 2.52 1.13
C TYR A 22 -0.87 1.47 2.21
N CYS A 23 -0.57 1.85 3.46
CA CYS A 23 -0.67 0.94 4.58
C CYS A 23 -1.85 1.33 5.50
N PRO A 24 -2.97 0.66 5.38
CA PRO A 24 -4.18 0.96 6.22
C PRO A 24 -3.88 0.90 7.70
N MET A 25 -4.50 1.79 8.45
CA MET A 25 -4.29 1.84 9.90
C MET A 25 -5.29 0.94 10.63
N GLU A 26 -5.02 -0.36 10.65
CA GLU A 26 -5.90 -1.31 11.31
C GLU A 26 -5.10 -2.40 12.04
N PHE A 27 -4.00 -1.99 12.68
CA PHE A 27 -3.15 -2.94 13.40
C PHE A 27 -2.41 -3.85 12.43
N ILE A 28 -3.07 -4.23 11.35
CA ILE A 28 -2.48 -5.10 10.35
C ILE A 28 -2.69 -4.51 8.95
N PRO A 29 -1.94 -3.50 8.59
CA PRO A 29 -2.07 -2.83 7.27
C PRO A 29 -1.85 -3.78 6.11
N HIS A 30 -2.66 -3.64 5.06
CA HIS A 30 -2.50 -4.46 3.88
C HIS A 30 -2.46 -3.58 2.63
N CYS A 31 -1.45 -3.82 1.78
CA CYS A 31 -1.29 -3.04 0.56
C CYS A 31 -2.65 -2.74 -0.05
N LYS A 32 -3.15 -1.54 0.20
CA LYS A 32 -4.44 -1.13 -0.30
C LYS A 32 -4.29 -0.03 -1.33
N LYS A 33 -4.95 -0.20 -2.47
CA LYS A 33 -4.87 0.77 -3.55
C LYS A 33 -5.72 2.00 -3.22
N TYR A 34 -5.24 3.17 -3.62
CA TYR A 34 -5.95 4.42 -3.37
C TYR A 34 -7.28 4.40 -4.11
N LYS A 35 -8.33 4.93 -3.45
CA LYS A 35 -9.68 4.98 -4.01
C LYS A 35 -9.70 4.55 -5.47
N PRO A 36 -9.64 3.26 -5.73
CA PRO A 36 -9.62 2.72 -7.11
C PRO A 36 -10.97 2.82 -7.80
N TYR A 37 -10.96 3.05 -9.10
CA TYR A 37 -12.19 3.17 -9.87
C TYR A 37 -12.32 2.03 -10.87
N VAL A 38 -11.36 1.10 -10.82
CA VAL A 38 -11.37 -0.03 -11.74
C VAL A 38 -11.75 0.41 -13.15
N PRO A 39 -11.00 1.34 -13.70
CA PRO A 39 -11.27 1.86 -15.08
C PRO A 39 -10.96 0.83 -16.16
N VAL A 40 -11.69 0.91 -17.27
CA VAL A 40 -11.49 -0.02 -18.37
C VAL A 40 -10.09 0.14 -18.96
N THR A 41 -9.56 1.37 -18.90
CA THR A 41 -8.24 1.64 -19.42
C THR A 41 -7.17 1.14 -18.46
N THR A 42 -5.94 1.02 -18.96
CA THR A 42 -4.83 0.55 -18.14
C THR A 42 -5.14 -0.83 -17.57
N ASP A 1 9.00 -11.29 -3.47
CA ASP A 1 9.46 -10.18 -2.59
C ASP A 1 8.39 -9.10 -2.53
N CYS A 2 8.64 -8.05 -1.76
CA CYS A 2 7.68 -6.96 -1.62
C CYS A 2 6.31 -7.49 -1.24
N ALA A 3 5.38 -6.57 -0.99
CA ALA A 3 4.02 -6.95 -0.63
C ALA A 3 3.04 -6.58 -1.75
N LYS A 4 2.24 -7.55 -2.17
CA LYS A 4 1.26 -7.33 -3.23
C LYS A 4 -0.06 -6.87 -2.65
N GLU A 5 -0.96 -6.40 -3.50
CA GLU A 5 -2.26 -5.93 -3.04
C GLU A 5 -2.88 -6.92 -2.06
N GLY A 6 -3.32 -6.41 -0.91
CA GLY A 6 -3.93 -7.25 0.11
C GLY A 6 -2.88 -7.98 0.93
N GLU A 7 -1.61 -7.70 0.67
CA GLU A 7 -0.53 -8.35 1.40
C GLU A 7 -0.04 -7.44 2.52
N VAL A 8 0.35 -8.05 3.64
CA VAL A 8 0.81 -7.28 4.79
C VAL A 8 1.96 -6.34 4.39
N CYS A 9 1.87 -5.07 4.80
CA CYS A 9 2.91 -4.10 4.47
C CYS A 9 3.34 -3.35 5.73
N SER A 10 3.90 -2.17 5.53
CA SER A 10 4.37 -1.35 6.65
C SER A 10 5.50 -2.05 7.40
N TRP A 11 5.32 -2.25 8.70
CA TRP A 11 6.34 -2.89 9.51
C TRP A 11 6.73 -4.24 8.93
N GLY A 12 5.76 -4.91 8.33
CA GLY A 12 6.01 -6.21 7.73
C GLY A 12 7.04 -6.12 6.61
N LYS A 13 6.89 -5.09 5.77
CA LYS A 13 7.82 -4.89 4.65
C LYS A 13 7.40 -3.66 3.85
N LYS A 14 7.81 -3.62 2.57
CA LYS A 14 7.48 -2.50 1.70
C LYS A 14 6.57 -2.98 0.57
N CYS A 15 5.52 -2.22 0.33
CA CYS A 15 4.56 -2.56 -0.71
C CYS A 15 5.18 -2.38 -2.09
N CYS A 16 5.02 -3.39 -2.94
CA CYS A 16 5.58 -3.34 -4.28
C CYS A 16 5.39 -1.96 -4.90
N ASP A 17 4.26 -1.34 -4.61
CA ASP A 17 3.98 -0.01 -5.13
C ASP A 17 3.34 0.86 -4.06
N LEU A 18 4.17 1.54 -3.28
CA LEU A 18 3.69 2.41 -2.22
C LEU A 18 2.99 3.65 -2.81
N ASP A 19 3.33 3.97 -4.05
CA ASP A 19 2.75 5.14 -4.71
C ASP A 19 1.32 4.86 -5.13
N ASN A 20 1.05 3.62 -5.55
CA ASN A 20 -0.29 3.26 -5.99
C ASN A 20 -1.05 2.56 -4.86
N PHE A 21 -0.33 2.15 -3.82
CA PHE A 21 -0.95 1.48 -2.68
C PHE A 21 -0.48 2.10 -1.37
N TYR A 22 -1.26 1.89 -0.32
CA TYR A 22 -0.94 2.44 0.99
C TYR A 22 -1.10 1.39 2.08
N CYS A 23 -0.58 1.69 3.26
CA CYS A 23 -0.68 0.79 4.39
C CYS A 23 -1.79 1.25 5.35
N PRO A 24 -2.90 0.57 5.41
CA PRO A 24 -4.02 0.94 6.33
C PRO A 24 -3.57 1.16 7.77
N MET A 25 -4.22 2.12 8.43
CA MET A 25 -3.87 2.44 9.82
C MET A 25 -4.36 1.34 10.76
N GLU A 26 -3.71 0.18 10.70
CA GLU A 26 -4.07 -0.94 11.55
C GLU A 26 -2.82 -1.68 12.01
N PHE A 27 -3.01 -2.59 12.94
CA PHE A 27 -1.89 -3.37 13.47
C PHE A 27 -1.37 -4.34 12.39
N ILE A 28 -2.15 -4.53 11.35
CA ILE A 28 -1.76 -5.40 10.24
C ILE A 28 -2.18 -4.80 8.91
N PRO A 29 -1.54 -3.73 8.50
CA PRO A 29 -1.87 -3.03 7.23
C PRO A 29 -1.69 -3.92 6.01
N HIS A 30 -2.58 -3.80 5.05
CA HIS A 30 -2.46 -4.59 3.83
C HIS A 30 -2.44 -3.66 2.61
N CYS A 31 -1.53 -3.93 1.69
CA CYS A 31 -1.41 -3.11 0.49
C CYS A 31 -2.80 -2.83 -0.07
N LYS A 32 -3.16 -1.55 -0.13
CA LYS A 32 -4.47 -1.17 -0.63
C LYS A 32 -4.35 0.04 -1.57
N LYS A 33 -5.00 -0.07 -2.73
CA LYS A 33 -4.97 1.01 -3.70
C LYS A 33 -5.67 2.25 -3.15
N TYR A 34 -5.10 3.42 -3.47
CA TYR A 34 -5.67 4.69 -2.99
C TYR A 34 -7.11 4.86 -3.49
N LYS A 35 -7.33 4.54 -4.75
CA LYS A 35 -8.65 4.66 -5.35
C LYS A 35 -9.01 3.40 -6.12
N PRO A 36 -9.40 2.37 -5.43
CA PRO A 36 -9.78 1.07 -6.08
C PRO A 36 -10.91 1.25 -7.10
N TYR A 37 -10.80 0.54 -8.21
CA TYR A 37 -11.81 0.61 -9.26
C TYR A 37 -11.81 -0.65 -10.11
N VAL A 38 -12.81 -0.78 -10.98
CA VAL A 38 -12.90 -1.95 -11.84
C VAL A 38 -13.30 -1.54 -13.26
N PRO A 39 -12.43 -0.90 -13.98
CA PRO A 39 -12.70 -0.44 -15.38
C PRO A 39 -13.10 -1.59 -16.29
N VAL A 40 -12.46 -2.73 -16.10
CA VAL A 40 -12.74 -3.91 -16.90
C VAL A 40 -12.49 -5.18 -16.10
N THR A 41 -13.33 -6.19 -16.34
CA THR A 41 -13.19 -7.46 -15.64
C THR A 41 -11.93 -8.19 -16.08
N THR A 42 -11.49 -7.91 -17.31
CA THR A 42 -10.30 -8.54 -17.84
C THR A 42 -10.44 -10.06 -17.83
N ASP A 1 10.84 -10.46 -1.51
CA ASP A 1 10.54 -9.62 -2.70
C ASP A 1 9.82 -8.36 -2.25
N CYS A 2 8.50 -8.35 -2.39
CA CYS A 2 7.69 -7.20 -1.99
C CYS A 2 6.27 -7.63 -1.64
N ALA A 3 5.51 -6.71 -1.05
CA ALA A 3 4.14 -7.00 -0.67
C ALA A 3 3.18 -6.62 -1.79
N LYS A 4 2.28 -7.54 -2.14
CA LYS A 4 1.31 -7.29 -3.19
C LYS A 4 -0.02 -6.82 -2.62
N GLU A 5 -0.91 -6.37 -3.48
CA GLU A 5 -2.22 -5.89 -3.03
C GLU A 5 -2.84 -6.87 -2.05
N GLY A 6 -3.26 -6.36 -0.89
CA GLY A 6 -3.88 -7.20 0.13
C GLY A 6 -2.82 -7.91 0.98
N GLU A 7 -1.55 -7.61 0.71
CA GLU A 7 -0.45 -8.23 1.44
C GLU A 7 0.01 -7.32 2.57
N VAL A 8 0.40 -7.93 3.68
CA VAL A 8 0.85 -7.17 4.84
C VAL A 8 2.01 -6.25 4.47
N CYS A 9 1.93 -4.98 4.89
CA CYS A 9 2.99 -4.02 4.58
C CYS A 9 3.46 -3.33 5.85
N SER A 10 3.99 -2.11 5.69
CA SER A 10 4.48 -1.35 6.83
C SER A 10 5.65 -2.06 7.49
N TRP A 11 5.54 -2.28 8.80
CA TRP A 11 6.60 -2.94 9.55
C TRP A 11 6.89 -4.31 8.95
N GLY A 12 5.85 -4.95 8.42
CA GLY A 12 6.02 -6.27 7.82
C GLY A 12 6.95 -6.22 6.63
N LYS A 13 6.81 -5.17 5.82
CA LYS A 13 7.64 -5.01 4.63
C LYS A 13 7.21 -3.77 3.83
N LYS A 14 7.77 -3.62 2.64
CA LYS A 14 7.43 -2.48 1.78
C LYS A 14 6.55 -2.94 0.62
N CYS A 15 5.48 -2.19 0.38
CA CYS A 15 4.55 -2.54 -0.68
C CYS A 15 5.22 -2.33 -2.04
N CYS A 16 5.15 -3.35 -2.89
CA CYS A 16 5.76 -3.27 -4.22
C CYS A 16 5.53 -1.91 -4.84
N ASP A 17 4.35 -1.36 -4.61
CA ASP A 17 4.00 -0.05 -5.15
C ASP A 17 3.36 0.82 -4.08
N LEU A 18 4.19 1.54 -3.33
CA LEU A 18 3.70 2.42 -2.29
C LEU A 18 3.00 3.64 -2.87
N ASP A 19 3.31 3.95 -4.12
CA ASP A 19 2.71 5.09 -4.79
C ASP A 19 1.27 4.79 -5.21
N ASN A 20 1.02 3.55 -5.60
CA ASN A 20 -0.31 3.15 -6.02
C ASN A 20 -1.06 2.46 -4.88
N PHE A 21 -0.33 2.09 -3.83
CA PHE A 21 -0.92 1.44 -2.67
C PHE A 21 -0.45 2.08 -1.37
N TYR A 22 -1.24 1.92 -0.32
CA TYR A 22 -0.89 2.50 0.98
C TYR A 22 -1.07 1.46 2.08
N CYS A 23 -0.60 1.80 3.28
CA CYS A 23 -0.72 0.90 4.41
C CYS A 23 -1.84 1.36 5.36
N PRO A 24 -2.95 0.66 5.40
CA PRO A 24 -4.10 1.01 6.29
C PRO A 24 -3.68 1.17 7.74
N MET A 25 -4.33 2.09 8.44
CA MET A 25 -4.01 2.35 9.84
C MET A 25 -4.61 1.26 10.74
N GLU A 26 -4.02 0.07 10.68
CA GLU A 26 -4.50 -1.05 11.48
C GLU A 26 -3.31 -1.83 12.05
N PHE A 27 -3.63 -2.84 12.84
CA PHE A 27 -2.59 -3.67 13.45
C PHE A 27 -1.72 -4.32 12.37
N ILE A 28 -2.38 -4.85 11.34
CA ILE A 28 -1.66 -5.49 10.24
C ILE A 28 -2.10 -4.88 8.90
N PRO A 29 -1.56 -3.74 8.57
CA PRO A 29 -1.91 -3.02 7.30
C PRO A 29 -1.68 -3.88 6.08
N HIS A 30 -2.59 -3.77 5.10
CA HIS A 30 -2.47 -4.55 3.87
C HIS A 30 -2.46 -3.63 2.65
N CYS A 31 -1.55 -3.88 1.72
CA CYS A 31 -1.44 -3.06 0.53
C CYS A 31 -2.82 -2.77 -0.04
N LYS A 32 -3.19 -1.50 -0.03
CA LYS A 32 -4.51 -1.09 -0.53
C LYS A 32 -4.38 0.06 -1.52
N LYS A 33 -5.03 -0.07 -2.66
CA LYS A 33 -4.99 0.96 -3.68
C LYS A 33 -5.69 2.23 -3.21
N TYR A 34 -5.08 3.38 -3.52
CA TYR A 34 -5.67 4.66 -3.14
C TYR A 34 -7.09 4.78 -3.67
N LYS A 35 -7.63 6.00 -3.63
CA LYS A 35 -8.99 6.23 -4.10
C LYS A 35 -9.06 7.51 -4.94
N PRO A 36 -8.32 7.55 -6.01
CA PRO A 36 -8.30 8.74 -6.92
C PRO A 36 -9.59 8.89 -7.71
N TYR A 37 -9.98 10.14 -7.98
CA TYR A 37 -11.20 10.41 -8.71
C TYR A 37 -10.88 11.07 -10.06
N VAL A 38 -9.59 11.20 -10.35
CA VAL A 38 -9.15 11.81 -11.61
C VAL A 38 -8.10 10.94 -12.29
N PRO A 39 -8.47 9.73 -12.64
CA PRO A 39 -7.54 8.78 -13.32
C PRO A 39 -7.23 9.19 -14.75
N VAL A 40 -8.08 10.04 -15.31
CA VAL A 40 -7.89 10.51 -16.68
C VAL A 40 -6.58 11.29 -16.80
N THR A 41 -6.19 11.95 -15.72
CA THR A 41 -4.95 12.72 -15.72
C THR A 41 -3.75 11.82 -15.96
N THR A 42 -3.87 10.57 -15.56
CA THR A 42 -2.78 9.61 -15.73
C THR A 42 -3.07 8.68 -16.90
#